data_7MFR
#
_entry.id   7MFR
#
_cell.length_a   163.797
_cell.length_b   163.797
_cell.length_c   127.471
_cell.angle_alpha   90.000
_cell.angle_beta   90.000
_cell.angle_gamma   90.000
#
_symmetry.space_group_name_H-M   'P 43 21 2'
#
loop_
_entity.id
_entity.type
_entity.pdbx_description
1 polymer 'Antibody fragment - Light Chain of fab'
2 polymer 'Antibody fragment - Heavy Chain of fab'
3 polymer GLY-GLY-MET
4 non-polymer 'SULFATE ION'
5 water water
#
loop_
_entity_poly.entity_id
_entity_poly.type
_entity_poly.pdbx_seq_one_letter_code
_entity_poly.pdbx_strand_id
1 'polypeptide(L)'
;DIVLTQTASPVSAAVGGTVTINCQSSQSVYTNNRLAWYQQKPGQPAKEMIYGASTLPSGVSSRFKGSGSGTQFALTISDV
QADDAATYYCLGTYDCLSADCLAFGGGTKLEIKRTVAAPSVFIFPPSDEQLKSGTASVVCLLNNFYPREAKVQWKVDNAL
QSGNSQESVTEQDSKDSTYSLSSTLTLSKADYEKHKVYACEVTHQGLSSPVTKSFNRGEC
;
A,X
2 'polypeptide(L)'
;QSVKESGGRLVTPGTPLTLTCKVSGFSLSSYYMNWVRQAPGKGLEWIGIMFPNGKIYYATWAKGRFTISKTSTTVDLKII
SPTTEDTATYFCTGDDSGDVNIWGPGTLVTVSSASTKGPSVFPLAPSSKSTSGGTAALGCLVKDYFPEPVTVSWNSGALT
SGVHTFPAVLQSSGLYSLSSVVTVPSSSLGTQTYICNVNHKPSNTKVDKKVEPKSCD
;
B,Y
3 'polypeptide(L)' GGM P,Q
#
# COMPACT_ATOMS: atom_id res chain seq x y z
N ASP A 1 16.74 -16.14 12.60
CA ASP A 1 17.02 -15.03 11.69
C ASP A 1 16.91 -15.40 10.18
N ILE A 2 16.49 -16.63 9.86
CA ILE A 2 16.09 -16.93 8.50
C ILE A 2 14.87 -16.08 8.14
N VAL A 3 14.94 -15.41 7.00
CA VAL A 3 13.81 -14.62 6.52
C VAL A 3 13.56 -14.94 5.05
N LEU A 4 12.29 -15.14 4.70
CA LEU A 4 11.87 -15.31 3.33
C LEU A 4 11.07 -14.08 2.94
N THR A 5 11.44 -13.47 1.82
CA THR A 5 10.81 -12.25 1.33
C THR A 5 9.95 -12.56 0.13
N GLN A 6 8.66 -12.29 0.24
CA GLN A 6 7.73 -12.56 -0.84
C GLN A 6 7.47 -11.29 -1.63
N THR A 7 6.80 -11.47 -2.76
CA THR A 7 6.22 -10.38 -3.53
C THR A 7 5.39 -9.49 -2.62
N ALA A 8 5.50 -8.18 -2.81
CA ALA A 8 4.71 -7.25 -2.02
C ALA A 8 3.21 -7.45 -2.30
N SER A 9 2.37 -7.39 -1.17
CA SER A 9 0.93 -7.51 -1.44
C SER A 9 0.32 -6.12 -1.54
N PRO A 10 -0.78 -5.96 -2.30
CA PRO A 10 -1.40 -7.09 -2.98
C PRO A 10 -0.87 -7.38 -4.37
N VAL A 11 -1.38 -8.51 -4.83
CA VAL A 11 -1.11 -9.06 -6.13
C VAL A 11 -2.47 -9.31 -6.76
N SER A 12 -2.69 -8.75 -7.93
CA SER A 12 -4.06 -8.70 -8.39
C SER A 12 -4.21 -9.37 -9.74
N ALA A 13 -5.40 -9.92 -9.96
CA ALA A 13 -5.71 -10.51 -11.24
C ALA A 13 -7.22 -10.60 -11.39
N ALA A 14 -7.70 -10.64 -12.65
CA ALA A 14 -9.13 -10.81 -12.90
C ALA A 14 -9.39 -12.29 -13.13
N VAL A 15 -10.66 -12.69 -13.07
CA VAL A 15 -10.96 -14.11 -13.24
C VAL A 15 -10.64 -14.51 -14.67
N GLY A 16 -9.91 -15.62 -14.81
CA GLY A 16 -9.30 -16.05 -16.06
C GLY A 16 -7.82 -15.73 -16.17
N GLY A 17 -7.36 -14.77 -15.41
CA GLY A 17 -6.01 -14.26 -15.56
C GLY A 17 -4.95 -15.08 -14.84
N THR A 18 -3.81 -14.44 -14.59
CA THR A 18 -2.59 -15.18 -14.24
C THR A 18 -1.78 -14.37 -13.25
N VAL A 19 -1.29 -15.04 -12.22
CA VAL A 19 -0.46 -14.37 -11.25
C VAL A 19 0.76 -15.18 -10.85
N THR A 20 1.84 -14.48 -10.55
CA THR A 20 3.02 -15.07 -9.97
C THR A 20 3.31 -14.40 -8.65
N ILE A 21 3.64 -15.23 -7.66
CA ILE A 21 4.10 -14.80 -6.36
C ILE A 21 5.50 -15.35 -6.16
N ASN A 22 6.44 -14.50 -5.80
CA ASN A 22 7.82 -14.94 -5.68
C ASN A 22 8.23 -15.05 -4.23
N CYS A 23 9.11 -16.02 -3.95
CA CYS A 23 9.66 -16.25 -2.63
C CYS A 23 11.18 -16.23 -2.74
N GLN A 24 11.85 -15.40 -1.96
CA GLN A 24 13.31 -15.41 -1.90
C GLN A 24 13.79 -15.72 -0.50
N SER A 25 14.59 -16.77 -0.36
CA SER A 25 15.06 -17.26 0.93
C SER A 25 16.46 -16.73 1.21
N SER A 26 16.69 -16.32 2.46
CA SER A 26 17.98 -15.75 2.84
C SER A 26 19.11 -16.78 2.85
N GLN A 27 18.80 -18.06 2.73
CA GLN A 27 19.83 -19.09 2.57
C GLN A 27 19.17 -20.31 1.95
N SER A 28 19.97 -21.11 1.23
CA SER A 28 19.40 -22.19 0.44
C SER A 28 18.61 -23.17 1.31
N VAL A 29 17.46 -23.60 0.80
CA VAL A 29 16.64 -24.59 1.51
C VAL A 29 17.28 -25.98 1.45
N TYR A 30 16.72 -26.90 2.24
CA TYR A 30 17.20 -28.27 2.26
C TYR A 30 17.13 -28.89 0.87
N THR A 31 18.24 -29.48 0.45
CA THR A 31 18.40 -30.14 -0.85
C THR A 31 17.85 -29.25 -1.96
N ASN A 32 17.99 -27.94 -1.80
CA ASN A 32 17.68 -26.95 -2.82
C ASN A 32 16.30 -27.13 -3.45
N ASN A 33 15.40 -27.87 -2.78
CA ASN A 33 14.08 -28.14 -3.35
C ASN A 33 12.95 -28.22 -2.33
N ARG A 34 13.21 -27.99 -1.03
CA ARG A 34 12.20 -28.19 0.02
C ARG A 34 11.58 -26.84 0.35
N LEU A 35 10.63 -26.43 -0.48
CA LEU A 35 9.91 -25.18 -0.29
C LEU A 35 8.46 -25.41 -0.64
N ALA A 36 7.55 -25.04 0.28
CA ALA A 36 6.13 -25.30 0.10
C ALA A 36 5.33 -24.00 0.08
N TRP A 37 4.11 -24.09 -0.44
CA TRP A 37 3.23 -22.94 -0.64
C TRP A 37 1.88 -23.28 -0.03
N TYR A 38 1.39 -22.38 0.82
CA TYR A 38 0.16 -22.53 1.60
C TYR A 38 -0.83 -21.42 1.27
N GLN A 39 -2.11 -21.80 1.23
CA GLN A 39 -3.21 -20.89 0.95
C GLN A 39 -4.05 -20.71 2.19
N GLN A 40 -4.25 -19.46 2.61
CA GLN A 40 -5.06 -19.19 3.79
C GLN A 40 -6.17 -18.21 3.42
N LYS A 41 -7.41 -18.71 3.38
CA LYS A 41 -8.57 -17.84 3.35
C LYS A 41 -8.83 -17.31 4.76
N PRO A 42 -9.39 -16.11 4.89
CA PRO A 42 -9.45 -15.49 6.23
C PRO A 42 -10.35 -16.27 7.18
N GLY A 43 -9.90 -16.36 8.43
CA GLY A 43 -10.57 -17.14 9.45
C GLY A 43 -10.34 -18.64 9.37
N GLN A 44 -10.01 -19.17 8.21
CA GLN A 44 -9.72 -20.59 8.05
C GLN A 44 -8.26 -20.87 8.43
N PRO A 45 -7.87 -22.14 8.52
CA PRO A 45 -6.45 -22.48 8.56
C PRO A 45 -5.89 -22.54 7.12
N ALA A 46 -4.59 -22.78 7.03
CA ALA A 46 -3.89 -22.83 5.76
C ALA A 46 -4.06 -24.19 5.09
N LYS A 47 -4.00 -24.19 3.76
CA LYS A 47 -4.06 -25.40 2.95
C LYS A 47 -2.76 -25.54 2.17
N GLU A 48 -2.22 -26.76 2.12
CA GLU A 48 -1.00 -27.02 1.34
C GLU A 48 -1.31 -27.00 -0.14
N MET A 49 -0.80 -26.00 -0.85
CA MET A 49 -0.96 -25.88 -2.29
C MET A 49 0.14 -26.60 -3.06
N ILE A 50 1.38 -26.44 -2.63
CA ILE A 50 2.55 -27.03 -3.28
C ILE A 50 3.55 -27.43 -2.21
N TYR A 51 4.21 -28.58 -2.36
CA TYR A 51 5.35 -28.87 -1.51
C TYR A 51 6.48 -29.43 -2.36
N GLY A 52 7.66 -29.51 -1.75
CA GLY A 52 8.86 -29.93 -2.46
C GLY A 52 9.12 -29.11 -3.70
N ALA A 53 9.02 -27.79 -3.58
CA ALA A 53 9.18 -26.81 -4.66
C ALA A 53 8.13 -26.92 -5.77
N SER A 54 7.84 -28.13 -6.26
CA SER A 54 6.91 -28.27 -7.38
C SER A 54 5.91 -29.42 -7.26
N THR A 55 5.94 -30.23 -6.19
CA THR A 55 4.98 -31.33 -6.05
C THR A 55 3.59 -30.81 -5.75
N LEU A 56 2.60 -31.24 -6.55
CA LEU A 56 1.22 -30.80 -6.41
C LEU A 56 0.40 -31.86 -5.68
N PRO A 57 -0.05 -31.61 -4.45
CA PRO A 57 -0.88 -32.62 -3.75
C PRO A 57 -2.15 -32.98 -4.52
N SER A 58 -2.77 -34.09 -4.09
CA SER A 58 -4.11 -34.45 -4.55
C SER A 58 -5.08 -33.33 -4.25
N GLY A 59 -6.10 -33.20 -5.10
CA GLY A 59 -7.17 -32.27 -4.77
C GLY A 59 -6.76 -30.81 -4.72
N VAL A 60 -5.54 -30.47 -5.18
CA VAL A 60 -5.15 -29.10 -5.48
C VAL A 60 -5.08 -28.99 -6.99
N SER A 61 -5.73 -27.95 -7.52
CA SER A 61 -5.83 -27.81 -8.96
C SER A 61 -4.45 -27.65 -9.60
N SER A 62 -4.30 -28.21 -10.80
CA SER A 62 -3.10 -27.98 -11.59
C SER A 62 -2.95 -26.53 -12.05
N ARG A 63 -3.93 -25.66 -11.76
CA ARG A 63 -3.77 -24.23 -12.00
C ARG A 63 -2.68 -23.63 -11.14
N PHE A 64 -2.23 -24.34 -10.13
CA PHE A 64 -1.17 -23.92 -9.22
C PHE A 64 0.13 -24.60 -9.64
N LYS A 65 1.15 -23.81 -9.95
CA LYS A 65 2.43 -24.36 -10.39
C LYS A 65 3.55 -23.80 -9.52
N GLY A 66 4.34 -24.69 -8.94
CA GLY A 66 5.51 -24.27 -8.20
C GLY A 66 6.76 -24.40 -9.05
N SER A 67 7.74 -23.53 -8.79
CA SER A 67 8.98 -23.57 -9.54
C SER A 67 10.06 -22.90 -8.70
N GLY A 68 11.31 -23.07 -9.11
CA GLY A 68 12.44 -22.46 -8.44
C GLY A 68 13.33 -23.51 -7.79
N SER A 69 14.44 -23.01 -7.25
CA SER A 69 15.36 -23.87 -6.49
C SER A 69 16.32 -22.95 -5.75
N GLY A 70 17.18 -23.56 -4.92
CA GLY A 70 18.21 -22.83 -4.21
C GLY A 70 17.65 -21.87 -3.19
N THR A 71 17.65 -20.57 -3.53
CA THR A 71 17.04 -19.56 -2.69
C THR A 71 15.92 -18.79 -3.40
N GLN A 72 15.45 -19.25 -4.55
CA GLN A 72 14.49 -18.46 -5.32
C GLN A 72 13.39 -19.35 -5.86
N PHE A 73 12.16 -19.07 -5.47
CA PHE A 73 11.02 -19.90 -5.82
C PHE A 73 9.86 -19.02 -6.27
N ALA A 74 8.86 -19.66 -6.85
CA ALA A 74 7.69 -18.91 -7.31
C ALA A 74 6.50 -19.85 -7.40
N LEU A 75 5.35 -19.34 -6.97
CA LEU A 75 4.08 -20.00 -7.20
C LEU A 75 3.32 -19.20 -8.25
N THR A 76 2.71 -19.89 -9.21
CA THR A 76 2.02 -19.23 -10.32
C THR A 76 0.63 -19.81 -10.43
N ILE A 77 -0.38 -18.94 -10.33
CA ILE A 77 -1.78 -19.33 -10.40
C ILE A 77 -2.30 -18.93 -11.77
N SER A 78 -2.85 -19.88 -12.50
CA SER A 78 -3.40 -19.61 -13.82
C SER A 78 -4.91 -19.77 -13.77
N ASP A 79 -5.58 -19.19 -14.76
CA ASP A 79 -7.03 -19.19 -14.85
C ASP A 79 -7.66 -18.95 -13.46
N VAL A 80 -7.25 -17.83 -12.87
CA VAL A 80 -7.65 -17.45 -11.53
C VAL A 80 -9.15 -17.50 -11.39
N GLN A 81 -9.62 -17.99 -10.26
CA GLN A 81 -11.04 -17.93 -9.94
C GLN A 81 -11.27 -17.01 -8.74
N ALA A 82 -12.53 -16.61 -8.57
CA ALA A 82 -12.85 -15.69 -7.48
C ALA A 82 -12.56 -16.31 -6.11
N ASP A 83 -12.80 -17.60 -5.94
CA ASP A 83 -12.41 -18.20 -4.65
C ASP A 83 -10.93 -18.36 -4.50
N ASP A 84 -10.08 -17.83 -5.36
CA ASP A 84 -8.65 -17.90 -5.10
C ASP A 84 -8.21 -16.78 -4.20
N ALA A 85 -9.12 -15.84 -3.95
CA ALA A 85 -8.88 -14.75 -3.01
C ALA A 85 -8.46 -15.31 -1.67
N ALA A 86 -7.24 -15.00 -1.28
CA ALA A 86 -6.65 -15.54 -0.07
C ALA A 86 -5.30 -14.89 0.12
N THR A 87 -4.55 -15.35 1.12
CA THR A 87 -3.17 -14.95 1.31
C THR A 87 -2.29 -16.19 1.19
N TYR A 88 -1.18 -16.05 0.49
CA TYR A 88 -0.32 -17.18 0.16
C TYR A 88 1.03 -17.01 0.84
N TYR A 89 1.45 -18.04 1.56
CA TYR A 89 2.70 -18.04 2.29
C TYR A 89 3.62 -19.10 1.72
N CYS A 90 4.90 -18.81 1.65
CA CYS A 90 5.86 -19.86 1.39
C CYS A 90 6.44 -20.36 2.71
N LEU A 91 6.89 -21.62 2.71
CA LEU A 91 7.48 -22.24 3.89
C LEU A 91 8.74 -22.99 3.46
N GLY A 92 9.89 -22.55 3.96
CA GLY A 92 11.16 -23.17 3.65
C GLY A 92 11.59 -24.13 4.74
N THR A 93 12.14 -25.28 4.32
CA THR A 93 12.78 -26.24 5.20
C THR A 93 14.30 -26.09 5.15
N TYR A 94 14.96 -26.19 6.30
CA TYR A 94 16.40 -26.13 6.42
C TYR A 94 16.90 -27.28 7.30
N ASP A 95 18.22 -27.31 7.54
CA ASP A 95 18.83 -28.40 8.31
C ASP A 95 18.63 -28.16 9.81
N CYS A 96 17.93 -29.09 10.46
CA CYS A 96 17.56 -28.92 11.86
C CYS A 96 18.78 -28.85 12.77
N LEU A 97 19.92 -29.36 12.32
CA LEU A 97 21.13 -29.39 13.12
C LEU A 97 21.95 -28.11 13.01
N SER A 98 21.58 -27.20 12.11
CA SER A 98 22.33 -25.97 11.92
C SER A 98 21.47 -24.73 11.77
N ALA A 99 20.16 -24.86 11.63
CA ALA A 99 19.25 -23.71 11.56
C ALA A 99 17.85 -24.16 11.96
N ASP A 100 16.92 -23.21 11.99
CA ASP A 100 15.52 -23.54 12.22
C ASP A 100 15.04 -24.53 11.16
N CYS A 101 14.25 -25.51 11.58
CA CYS A 101 13.79 -26.52 10.65
C CYS A 101 12.91 -25.91 9.58
N LEU A 102 12.09 -24.93 9.95
CA LEU A 102 11.10 -24.34 9.05
C LEU A 102 11.13 -22.83 9.21
N ALA A 103 10.64 -22.14 8.17
CA ALA A 103 10.46 -20.69 8.26
C ALA A 103 9.37 -20.25 7.29
N PHE A 104 8.55 -19.28 7.70
CA PHE A 104 7.47 -18.78 6.87
C PHE A 104 7.83 -17.45 6.20
N GLY A 105 7.28 -17.24 5.02
CA GLY A 105 7.42 -15.95 4.38
C GLY A 105 6.38 -14.99 4.90
N GLY A 106 6.59 -13.70 4.62
CA GLY A 106 5.68 -12.68 5.11
C GLY A 106 4.24 -12.85 4.65
N GLY A 107 4.03 -13.46 3.49
CA GLY A 107 2.69 -13.62 2.95
C GLY A 107 2.40 -12.60 1.85
N THR A 108 1.56 -13.01 0.90
CA THR A 108 1.14 -12.12 -0.19
C THR A 108 -0.36 -12.30 -0.40
N LYS A 109 -1.13 -11.22 -0.32
CA LYS A 109 -2.57 -11.31 -0.56
C LYS A 109 -2.86 -11.26 -2.06
N LEU A 110 -3.78 -12.10 -2.52
CA LEU A 110 -4.28 -12.02 -3.89
C LEU A 110 -5.64 -11.34 -3.88
N GLU A 111 -5.76 -10.24 -4.62
CA GLU A 111 -7.03 -9.56 -4.78
C GLU A 111 -7.56 -9.76 -6.19
N ILE A 112 -8.83 -10.15 -6.28
CA ILE A 112 -9.51 -10.40 -7.54
C ILE A 112 -10.07 -9.09 -8.05
N LYS A 113 -9.65 -8.69 -9.25
CA LYS A 113 -10.17 -7.48 -9.86
C LYS A 113 -11.48 -7.77 -10.57
N ARG A 114 -12.43 -6.85 -10.45
CA ARG A 114 -13.73 -6.95 -11.09
C ARG A 114 -14.18 -5.55 -11.45
N THR A 115 -15.38 -5.43 -12.00
CA THR A 115 -15.87 -4.11 -12.39
C THR A 115 -16.21 -3.28 -11.16
N VAL A 116 -16.15 -1.96 -11.32
CA VAL A 116 -16.37 -1.02 -10.24
C VAL A 116 -17.84 -1.01 -9.84
N ALA A 117 -18.13 -1.26 -8.56
CA ALA A 117 -19.50 -1.30 -8.07
C ALA A 117 -19.66 -0.30 -6.93
N ALA A 118 -20.68 0.53 -7.03
CA ALA A 118 -20.89 1.52 -5.99
C ALA A 118 -21.69 0.89 -4.84
N PRO A 119 -21.42 1.28 -3.60
CA PRO A 119 -22.09 0.65 -2.46
C PRO A 119 -23.57 1.01 -2.39
N SER A 120 -24.35 0.05 -1.88
CA SER A 120 -25.69 0.36 -1.35
C SER A 120 -25.50 0.84 0.08
N VAL A 121 -26.15 1.96 0.47
CA VAL A 121 -25.88 2.58 1.76
C VAL A 121 -27.13 2.60 2.63
N PHE A 122 -26.96 2.24 3.89
CA PHE A 122 -28.03 2.26 4.88
C PHE A 122 -27.53 2.88 6.16
N ILE A 123 -28.45 3.47 6.94
CA ILE A 123 -28.09 4.05 8.24
C ILE A 123 -29.07 3.56 9.30
N PHE A 124 -28.53 3.31 10.49
CA PHE A 124 -29.29 2.81 11.63
C PHE A 124 -29.10 3.75 12.80
N PRO A 125 -30.19 4.26 13.36
CA PRO A 125 -30.12 5.03 14.60
C PRO A 125 -29.84 4.10 15.77
N PRO A 126 -29.50 4.64 16.94
CA PRO A 126 -29.40 3.78 18.12
C PRO A 126 -30.77 3.22 18.49
N SER A 127 -30.73 2.06 19.15
CA SER A 127 -31.94 1.49 19.72
C SER A 127 -32.25 2.15 21.05
N ASP A 128 -33.54 2.27 21.37
CA ASP A 128 -33.93 2.72 22.70
C ASP A 128 -33.28 1.85 23.76
N GLU A 129 -33.20 0.55 23.51
CA GLU A 129 -32.50 -0.35 24.40
C GLU A 129 -31.15 0.24 24.81
N GLN A 130 -30.32 0.62 23.84
CA GLN A 130 -28.97 1.08 24.16
C GLN A 130 -28.96 2.47 24.80
N LEU A 131 -29.86 3.35 24.38
CA LEU A 131 -29.96 4.68 24.99
C LEU A 131 -30.06 4.60 26.50
N LYS A 132 -30.85 3.64 27.00
CA LYS A 132 -31.11 3.41 28.43
C LYS A 132 -29.89 2.88 29.16
N SER A 133 -28.71 3.32 28.75
CA SER A 133 -27.46 2.90 29.38
C SER A 133 -26.37 3.96 29.24
N GLY A 134 -26.63 5.09 28.56
CA GLY A 134 -25.75 6.24 28.59
C GLY A 134 -24.98 6.49 27.31
N THR A 135 -24.94 5.55 26.36
CA THR A 135 -24.22 5.72 25.11
C THR A 135 -25.17 5.44 23.94
N ALA A 136 -24.76 5.92 22.76
CA ALA A 136 -25.57 5.87 21.56
C ALA A 136 -24.68 5.56 20.37
N SER A 137 -24.96 4.45 19.70
CA SER A 137 -24.18 4.00 18.57
C SER A 137 -24.99 4.20 17.29
N VAL A 138 -24.51 5.05 16.41
CA VAL A 138 -25.08 5.21 15.08
C VAL A 138 -24.23 4.41 14.11
N VAL A 139 -24.87 3.61 13.25
CA VAL A 139 -24.15 2.68 12.40
C VAL A 139 -24.58 2.90 10.96
N CYS A 140 -23.64 3.08 10.07
CA CYS A 140 -24.03 3.06 8.67
C CYS A 140 -23.23 1.99 7.92
N LEU A 141 -23.90 1.40 6.95
CA LEU A 141 -23.45 0.19 6.28
C LEU A 141 -23.35 0.44 4.78
N LEU A 142 -22.18 0.14 4.23
CA LEU A 142 -21.91 0.17 2.80
C LEU A 142 -21.85 -1.28 2.32
N ASN A 143 -22.73 -1.63 1.37
CA ASN A 143 -22.95 -3.02 0.97
C ASN A 143 -22.48 -3.26 -0.45
N ASN A 144 -21.55 -4.22 -0.61
CA ASN A 144 -21.26 -4.90 -1.88
C ASN A 144 -20.69 -3.94 -2.94
N PHE A 145 -19.54 -3.37 -2.64
CA PHE A 145 -18.90 -2.42 -3.54
C PHE A 145 -17.54 -2.94 -3.92
N TYR A 146 -17.06 -2.50 -5.10
CA TYR A 146 -15.70 -2.72 -5.53
C TYR A 146 -15.21 -1.44 -6.17
N PRO A 147 -13.94 -1.04 -5.95
CA PRO A 147 -12.93 -1.66 -5.08
C PRO A 147 -13.08 -1.22 -3.62
N ARG A 148 -12.19 -1.72 -2.74
CA ARG A 148 -12.37 -1.55 -1.29
C ARG A 148 -12.25 -0.09 -0.87
N GLU A 149 -11.48 0.73 -1.60
CA GLU A 149 -11.33 2.12 -1.22
C GLU A 149 -12.68 2.82 -1.18
N ALA A 150 -13.02 3.34 -0.01
CA ALA A 150 -14.24 4.09 0.20
C ALA A 150 -14.00 4.97 1.41
N LYS A 151 -14.50 6.21 1.36
CA LYS A 151 -14.40 7.09 2.52
C LYS A 151 -15.79 7.34 3.08
N VAL A 152 -15.88 7.28 4.42
CA VAL A 152 -17.10 7.57 5.15
C VAL A 152 -16.90 8.83 5.99
N GLN A 153 -17.81 9.79 5.85
CA GLN A 153 -17.80 11.04 6.58
C GLN A 153 -19.03 11.06 7.50
N TRP A 154 -18.82 11.33 8.77
CA TRP A 154 -19.91 11.42 9.75
C TRP A 154 -20.25 12.88 10.05
N LYS A 155 -21.54 13.24 10.01
CA LYS A 155 -21.93 14.64 10.21
C LYS A 155 -23.17 14.71 11.09
N VAL A 156 -23.06 15.42 12.22
CA VAL A 156 -24.19 15.62 13.12
C VAL A 156 -24.54 17.11 13.14
N ASP A 157 -25.82 17.42 12.96
CA ASP A 157 -26.29 18.79 12.79
C ASP A 157 -25.40 19.54 11.80
N ASN A 158 -24.81 18.78 10.88
CA ASN A 158 -23.99 19.16 9.74
C ASN A 158 -22.52 19.38 10.10
N ALA A 159 -22.10 19.17 11.33
CA ALA A 159 -20.70 19.29 11.72
C ALA A 159 -19.94 17.98 11.46
N LEU A 160 -18.87 18.04 10.67
CA LEU A 160 -18.06 16.86 10.41
C LEU A 160 -17.45 16.29 11.71
N GLN A 161 -17.80 15.05 12.01
CA GLN A 161 -17.28 14.34 13.18
C GLN A 161 -15.91 13.74 12.90
N SER A 162 -15.00 13.89 13.87
CA SER A 162 -13.64 13.36 13.71
C SER A 162 -13.18 12.80 15.04
N GLY A 163 -12.84 11.53 15.05
CA GLY A 163 -12.22 10.90 16.19
C GLY A 163 -13.13 9.97 16.95
N ASN A 164 -14.44 10.02 16.69
CA ASN A 164 -15.41 9.25 17.43
C ASN A 164 -16.13 8.21 16.58
N SER A 165 -15.48 7.69 15.54
CA SER A 165 -16.03 6.54 14.81
C SER A 165 -14.96 5.49 14.63
N GLN A 166 -15.41 4.30 14.27
CA GLN A 166 -14.54 3.19 13.93
C GLN A 166 -15.19 2.43 12.79
N GLU A 167 -14.38 1.73 11.99
CA GLU A 167 -14.96 1.04 10.87
C GLU A 167 -14.31 -0.31 10.64
N SER A 168 -15.06 -1.16 9.98
CA SER A 168 -14.65 -2.52 9.71
C SER A 168 -15.02 -2.84 8.27
N VAL A 169 -14.18 -3.64 7.63
CA VAL A 169 -14.44 -4.09 6.27
C VAL A 169 -14.37 -5.60 6.23
N THR A 170 -15.29 -6.21 5.48
CA THR A 170 -15.22 -7.65 5.29
C THR A 170 -14.04 -8.02 4.41
N GLU A 171 -13.83 -9.32 4.32
CA GLU A 171 -12.93 -9.85 3.34
C GLU A 171 -13.64 -9.96 1.99
N GLN A 172 -12.83 -9.99 0.94
CA GLN A 172 -13.37 -10.00 -0.40
C GLN A 172 -14.22 -11.24 -0.61
N ASP A 173 -15.44 -11.04 -1.14
CA ASP A 173 -16.39 -12.13 -1.25
C ASP A 173 -15.98 -13.13 -2.33
N SER A 174 -15.88 -14.40 -1.96
CA SER A 174 -15.36 -15.44 -2.83
C SER A 174 -16.24 -15.75 -4.02
N LYS A 175 -17.49 -15.27 -4.06
CA LYS A 175 -18.31 -15.38 -5.26
C LYS A 175 -18.33 -14.11 -6.09
N ASP A 176 -18.65 -12.96 -5.47
CA ASP A 176 -18.91 -11.73 -6.20
C ASP A 176 -17.72 -10.77 -6.18
N SER A 177 -16.67 -11.12 -5.45
CA SER A 177 -15.41 -10.36 -5.36
C SER A 177 -15.57 -8.97 -4.75
N THR A 178 -16.72 -8.64 -4.14
CA THR A 178 -16.93 -7.30 -3.59
C THR A 178 -16.54 -7.23 -2.10
N TYR A 179 -16.69 -6.04 -1.54
CA TYR A 179 -16.43 -5.77 -0.13
C TYR A 179 -17.66 -5.14 0.51
N SER A 180 -17.72 -5.24 1.84
CA SER A 180 -18.72 -4.52 2.62
C SER A 180 -18.05 -3.86 3.82
N LEU A 181 -18.64 -2.76 4.28
CA LEU A 181 -18.06 -1.98 5.37
C LEU A 181 -19.14 -1.50 6.33
N SER A 182 -18.82 -1.45 7.62
CA SER A 182 -19.69 -0.80 8.61
C SER A 182 -18.89 0.24 9.39
N SER A 183 -19.48 1.43 9.51
CA SER A 183 -18.97 2.53 10.32
C SER A 183 -19.86 2.71 11.55
N THR A 184 -19.23 2.92 12.69
CA THR A 184 -19.94 3.14 13.94
C THR A 184 -19.44 4.43 14.56
N LEU A 185 -20.32 5.41 14.66
CA LEU A 185 -20.13 6.61 15.46
C LEU A 185 -20.69 6.39 16.86
N THR A 186 -19.90 6.64 17.91
CA THR A 186 -20.39 6.49 19.28
C THR A 186 -20.39 7.86 19.98
N LEU A 187 -21.55 8.24 20.49
CA LEU A 187 -21.73 9.43 21.32
C LEU A 187 -22.30 9.06 22.68
N SER A 188 -22.24 9.99 23.61
CA SER A 188 -22.95 9.86 24.87
C SER A 188 -24.42 10.17 24.65
N LYS A 189 -25.28 9.55 25.48
CA LYS A 189 -26.71 9.80 25.35
C LYS A 189 -27.02 11.29 25.40
N ALA A 190 -26.29 12.03 26.24
CA ALA A 190 -26.46 13.48 26.30
C ALA A 190 -26.21 14.13 24.94
N ASP A 191 -25.02 13.87 24.37
CA ASP A 191 -24.67 14.48 23.09
C ASP A 191 -25.64 14.06 22.00
N TYR A 192 -26.03 12.78 21.97
CA TYR A 192 -26.99 12.33 20.97
C TYR A 192 -28.30 13.09 21.11
N GLU A 193 -28.78 13.30 22.35
CA GLU A 193 -30.03 14.02 22.54
C GLU A 193 -29.91 15.51 22.21
N LYS A 194 -28.69 16.07 22.24
CA LYS A 194 -28.55 17.51 21.96
C LYS A 194 -28.82 17.87 20.50
N HIS A 195 -28.64 16.94 19.55
CA HIS A 195 -28.64 17.29 18.13
C HIS A 195 -29.71 16.51 17.37
N LYS A 196 -29.91 16.90 16.11
CA LYS A 196 -31.07 16.43 15.36
C LYS A 196 -30.72 15.61 14.13
N VAL A 197 -29.83 16.08 13.27
CA VAL A 197 -29.62 15.47 11.96
C VAL A 197 -28.38 14.61 11.99
N TYR A 198 -28.55 13.33 11.70
CA TYR A 198 -27.46 12.36 11.72
C TYR A 198 -27.26 11.89 10.29
N ALA A 199 -26.04 12.05 9.77
CA ALA A 199 -25.80 11.74 8.37
C ALA A 199 -24.45 11.05 8.21
N CYS A 200 -24.46 10.06 7.32
CA CYS A 200 -23.29 9.33 6.86
C CYS A 200 -23.16 9.61 5.36
N GLU A 201 -22.01 10.17 4.95
CA GLU A 201 -21.75 10.55 3.55
C GLU A 201 -20.59 9.74 2.99
N VAL A 202 -20.81 9.11 1.83
CA VAL A 202 -19.95 8.08 1.28
C VAL A 202 -19.36 8.61 -0.02
N THR A 203 -18.04 8.42 -0.18
CA THR A 203 -17.36 8.77 -1.42
C THR A 203 -16.60 7.57 -1.94
N HIS A 204 -16.85 7.23 -3.21
CA HIS A 204 -16.38 6.01 -3.83
C HIS A 204 -16.23 6.20 -5.33
N GLN A 205 -15.21 5.57 -5.91
CA GLN A 205 -14.96 5.70 -7.36
C GLN A 205 -16.23 5.49 -8.17
N GLY A 206 -17.01 4.48 -7.82
CA GLY A 206 -18.20 4.14 -8.56
C GLY A 206 -19.29 5.17 -8.48
N LEU A 207 -19.06 6.25 -7.73
CA LEU A 207 -19.96 7.41 -7.68
C LEU A 207 -19.21 8.68 -8.00
N SER A 208 -19.82 9.52 -8.85
CA SER A 208 -19.15 10.77 -9.21
C SER A 208 -19.26 11.78 -8.09
N SER A 209 -20.51 12.02 -7.56
CA SER A 209 -20.75 12.81 -6.38
C SER A 209 -20.89 11.91 -5.17
N PRO A 210 -20.59 12.38 -3.97
CA PRO A 210 -20.82 11.56 -2.78
C PRO A 210 -22.30 11.32 -2.55
N VAL A 211 -22.62 10.24 -1.85
CA VAL A 211 -24.01 9.91 -1.53
C VAL A 211 -24.19 10.08 -0.03
N THR A 212 -25.34 10.62 0.38
CA THR A 212 -25.61 10.86 1.80
C THR A 212 -26.87 10.14 2.23
N LYS A 213 -26.78 9.41 3.34
CA LYS A 213 -27.93 8.82 4.00
C LYS A 213 -28.00 9.45 5.39
N SER A 214 -29.19 9.83 5.81
CA SER A 214 -29.35 10.51 7.09
C SER A 214 -30.70 10.17 7.69
N PHE A 215 -30.80 10.33 9.00
CA PHE A 215 -32.09 10.31 9.69
C PHE A 215 -32.15 11.50 10.65
N ASN A 216 -33.38 11.88 10.98
CA ASN A 216 -33.67 12.92 11.96
C ASN A 216 -34.09 12.26 13.27
N ARG A 217 -33.40 12.59 14.36
CA ARG A 217 -33.61 11.88 15.62
C ARG A 217 -35.05 12.06 16.11
N GLY A 218 -35.76 10.95 16.29
CA GLY A 218 -37.13 10.97 16.74
C GLY A 218 -38.15 11.24 15.65
N GLU A 219 -38.11 10.47 14.55
CA GLU A 219 -39.11 10.54 13.49
C GLU A 219 -39.37 9.15 12.92
N GLN B 1 -5.82 -38.12 9.61
CA GLN B 1 -6.74 -37.44 8.72
C GLN B 1 -7.42 -36.20 9.41
N SER B 2 -7.38 -36.10 10.73
CA SER B 2 -8.01 -34.97 11.43
C SER B 2 -7.19 -34.57 12.66
N VAL B 3 -7.23 -33.28 12.98
CA VAL B 3 -6.52 -32.71 14.12
C VAL B 3 -7.39 -31.59 14.69
N LYS B 4 -7.34 -31.41 16.01
CA LYS B 4 -8.07 -30.28 16.63
C LYS B 4 -7.34 -29.74 17.84
N GLU B 5 -7.17 -28.41 17.88
CA GLU B 5 -6.63 -27.72 19.04
C GLU B 5 -7.72 -27.32 20.02
N SER B 6 -7.36 -27.30 21.29
CA SER B 6 -8.19 -26.76 22.36
C SER B 6 -7.24 -26.17 23.39
N GLY B 7 -7.81 -25.47 24.37
CA GLY B 7 -7.06 -24.94 25.49
C GLY B 7 -6.89 -23.43 25.47
N GLY B 8 -7.18 -22.77 24.34
CA GLY B 8 -6.89 -21.36 24.21
C GLY B 8 -7.90 -20.51 24.96
N ARG B 9 -7.43 -19.72 25.93
CA ARG B 9 -8.28 -18.96 26.82
C ARG B 9 -7.61 -17.63 27.10
N LEU B 10 -8.31 -16.79 27.84
CA LEU B 10 -7.69 -15.58 28.37
C LEU B 10 -6.85 -15.92 29.60
N VAL B 11 -5.78 -15.17 29.80
CA VAL B 11 -4.76 -15.60 30.74
C VAL B 11 -3.91 -14.40 31.09
N THR B 12 -3.62 -14.25 32.37
CA THR B 12 -2.89 -13.07 32.82
C THR B 12 -1.42 -13.22 32.45
N PRO B 13 -0.73 -12.11 32.21
CA PRO B 13 0.70 -12.17 31.90
C PRO B 13 1.46 -12.95 32.97
N GLY B 14 2.33 -13.85 32.51
CA GLY B 14 3.14 -14.67 33.37
C GLY B 14 2.53 -16.00 33.82
N THR B 15 1.20 -16.14 33.78
CA THR B 15 0.78 -17.45 34.29
C THR B 15 0.76 -18.48 33.15
N PRO B 16 1.42 -19.62 33.31
CA PRO B 16 1.56 -20.57 32.21
C PRO B 16 0.23 -21.13 31.75
N LEU B 17 0.27 -21.75 30.57
CA LEU B 17 -0.93 -22.28 29.94
C LEU B 17 -0.47 -23.27 28.88
N THR B 18 -1.22 -24.37 28.77
CA THR B 18 -0.89 -25.46 27.86
C THR B 18 -2.03 -25.61 26.88
N LEU B 19 -1.71 -25.66 25.60
CA LEU B 19 -2.68 -26.00 24.57
C LEU B 19 -2.46 -27.45 24.16
N THR B 20 -3.53 -28.11 23.76
CA THR B 20 -3.42 -29.50 23.40
C THR B 20 -4.06 -29.71 22.04
N CYS B 21 -3.60 -30.77 21.38
CA CYS B 21 -3.97 -31.07 20.01
C CYS B 21 -4.23 -32.56 19.95
N LYS B 22 -5.46 -32.95 19.64
CA LYS B 22 -5.86 -34.34 19.70
C LYS B 22 -6.03 -34.90 18.29
N VAL B 23 -5.20 -35.90 17.98
CA VAL B 23 -5.16 -36.55 16.67
C VAL B 23 -6.36 -37.47 16.47
N SER B 24 -6.76 -37.61 15.21
CA SER B 24 -7.82 -38.54 14.82
C SER B 24 -7.44 -39.17 13.48
N GLY B 25 -7.21 -40.48 13.49
CA GLY B 25 -7.01 -41.24 12.29
C GLY B 25 -5.57 -41.50 11.90
N PHE B 26 -4.63 -41.44 12.85
CA PHE B 26 -3.22 -41.72 12.61
C PHE B 26 -2.52 -41.76 13.97
N SER B 27 -1.22 -42.03 13.94
CA SER B 27 -0.44 -42.28 15.16
C SER B 27 0.66 -41.22 15.31
N LEU B 28 0.82 -40.68 16.53
CA LEU B 28 1.78 -39.61 16.77
C LEU B 28 3.18 -39.98 16.27
N SER B 29 3.59 -41.23 16.49
CA SER B 29 4.90 -41.70 16.05
C SER B 29 5.03 -41.73 14.55
N SER B 30 3.96 -41.44 13.81
CA SER B 30 3.93 -41.62 12.38
C SER B 30 3.95 -40.30 11.59
N TYR B 31 3.53 -39.18 12.15
CA TYR B 31 3.48 -37.90 11.44
C TYR B 31 4.54 -36.94 11.97
N TYR B 32 4.75 -35.85 11.24
CA TYR B 32 5.42 -34.68 11.77
C TYR B 32 4.34 -33.77 12.37
N MET B 33 4.57 -33.33 13.61
CA MET B 33 3.69 -32.39 14.28
C MET B 33 4.43 -31.08 14.53
N ASN B 34 3.76 -29.98 14.19
CA ASN B 34 4.25 -28.62 14.30
C ASN B 34 3.22 -27.76 15.00
N TRP B 35 3.69 -26.74 15.68
CA TRP B 35 2.83 -25.70 16.18
C TRP B 35 3.17 -24.42 15.45
N VAL B 36 2.13 -23.67 15.10
CA VAL B 36 2.24 -22.46 14.31
C VAL B 36 1.25 -21.43 14.90
N ARG B 37 1.68 -20.19 15.03
CA ARG B 37 0.75 -19.19 15.53
C ARG B 37 0.64 -18.01 14.57
N GLN B 38 -0.44 -17.27 14.76
CA GLN B 38 -0.77 -16.14 13.90
C GLN B 38 -1.44 -15.06 14.75
N ALA B 39 -0.69 -14.02 15.09
CA ALA B 39 -1.26 -12.85 15.75
C ALA B 39 -2.33 -12.23 14.86
N PRO B 40 -3.31 -11.53 15.42
CA PRO B 40 -4.43 -11.05 14.57
C PRO B 40 -3.97 -10.06 13.51
N GLY B 41 -4.40 -10.30 12.28
CA GLY B 41 -4.00 -9.48 11.17
C GLY B 41 -2.60 -9.70 10.67
N LYS B 42 -1.76 -10.45 11.38
CA LYS B 42 -0.41 -10.67 10.92
C LYS B 42 -0.30 -12.07 10.28
N GLY B 43 0.92 -12.58 10.15
CA GLY B 43 1.16 -13.78 9.38
C GLY B 43 1.53 -14.99 10.23
N LEU B 44 1.65 -16.12 9.54
CA LEU B 44 2.00 -17.36 10.21
C LEU B 44 3.46 -17.35 10.62
N GLU B 45 3.72 -17.78 11.85
CA GLU B 45 5.04 -17.94 12.43
C GLU B 45 5.15 -19.40 12.89
N TRP B 46 6.33 -19.99 12.80
CA TRP B 46 6.48 -21.40 13.13
C TRP B 46 7.15 -21.50 14.49
N ILE B 47 6.59 -22.31 15.37
CA ILE B 47 7.08 -22.41 16.74
C ILE B 47 8.02 -23.59 16.91
N GLY B 48 7.62 -24.76 16.45
CA GLY B 48 8.48 -25.91 16.63
C GLY B 48 7.82 -27.18 16.15
N ILE B 49 8.58 -28.25 16.22
CA ILE B 49 8.22 -29.49 15.53
C ILE B 49 8.60 -30.70 16.38
N MET B 50 7.84 -31.78 16.19
CA MET B 50 8.15 -33.08 16.74
C MET B 50 8.17 -34.10 15.62
N PHE B 51 9.34 -34.72 15.40
CA PHE B 51 9.50 -35.75 14.37
C PHE B 51 8.71 -37.00 14.73
N PRO B 52 8.46 -37.88 13.75
CA PRO B 52 7.95 -39.22 14.10
C PRO B 52 8.87 -39.97 15.04
N ASN B 53 10.19 -39.79 14.95
CA ASN B 53 11.12 -40.32 15.95
C ASN B 53 10.63 -40.01 17.35
N GLY B 54 10.38 -38.73 17.61
CA GLY B 54 10.34 -38.18 18.96
C GLY B 54 11.35 -37.07 19.17
N LYS B 55 12.19 -36.77 18.19
CA LYS B 55 13.06 -35.62 18.27
C LYS B 55 12.22 -34.34 18.16
N ILE B 56 12.68 -33.30 18.82
CA ILE B 56 11.92 -32.06 18.97
C ILE B 56 12.84 -30.90 18.66
N TYR B 57 12.38 -29.98 17.81
CA TYR B 57 13.19 -28.83 17.48
C TYR B 57 12.34 -27.58 17.55
N TYR B 58 12.96 -26.49 18.02
CA TYR B 58 12.28 -25.22 18.19
C TYR B 58 12.92 -24.18 17.27
N ALA B 59 12.08 -23.31 16.73
CA ALA B 59 12.58 -22.06 16.19
C ALA B 59 13.46 -21.37 17.23
N THR B 60 14.47 -20.65 16.74
CA THR B 60 15.39 -19.96 17.64
C THR B 60 14.68 -18.94 18.53
N TRP B 61 13.74 -18.19 17.95
CA TRP B 61 13.02 -17.20 18.75
C TRP B 61 12.20 -17.87 19.83
N ALA B 62 11.75 -19.11 19.61
CA ALA B 62 10.90 -19.82 20.56
C ALA B 62 11.67 -20.52 21.67
N LYS B 63 12.95 -20.85 21.46
CA LYS B 63 13.76 -21.55 22.46
C LYS B 63 13.65 -20.91 23.83
N GLY B 64 13.18 -21.69 24.81
CA GLY B 64 13.02 -21.23 26.17
C GLY B 64 11.63 -20.70 26.50
N ARG B 65 10.83 -20.39 25.49
CA ARG B 65 9.53 -19.78 25.73
C ARG B 65 8.39 -20.77 25.62
N PHE B 66 8.60 -21.90 24.96
CA PHE B 66 7.57 -22.91 24.76
C PHE B 66 8.12 -24.28 25.09
N THR B 67 7.22 -25.18 25.47
CA THR B 67 7.51 -26.60 25.49
C THR B 67 6.55 -27.33 24.56
N ILE B 68 7.12 -28.12 23.66
CA ILE B 68 6.38 -29.07 22.84
C ILE B 68 6.59 -30.46 23.41
N SER B 69 5.50 -31.21 23.56
CA SER B 69 5.57 -32.52 24.19
C SER B 69 4.39 -33.32 23.68
N LYS B 70 4.47 -34.64 23.88
CA LYS B 70 3.41 -35.55 23.44
C LYS B 70 3.10 -36.52 24.57
N THR B 71 1.88 -37.09 24.49
CA THR B 71 1.29 -37.96 25.50
C THR B 71 0.34 -38.93 24.80
N SER B 72 0.89 -39.86 24.01
CA SER B 72 0.13 -41.00 23.50
C SER B 72 -1.03 -40.62 22.57
N THR B 73 -1.95 -39.76 23.04
CA THR B 73 -3.12 -39.36 22.27
C THR B 73 -3.06 -37.94 21.71
N THR B 74 -2.16 -37.08 22.21
CA THR B 74 -2.18 -35.66 21.86
C THR B 74 -0.78 -35.08 21.82
N VAL B 75 -0.66 -33.94 21.12
CA VAL B 75 0.55 -33.11 21.10
C VAL B 75 0.27 -31.83 21.87
N ASP B 76 1.24 -31.39 22.67
CA ASP B 76 1.04 -30.29 23.60
C ASP B 76 2.01 -29.17 23.32
N LEU B 77 1.54 -27.95 23.57
CA LEU B 77 2.36 -26.74 23.52
C LEU B 77 2.10 -25.96 24.80
N LYS B 78 3.12 -25.79 25.61
CA LYS B 78 3.01 -25.01 26.81
C LYS B 78 3.67 -23.66 26.53
N ILE B 79 2.96 -22.59 26.83
CA ILE B 79 3.55 -21.26 26.85
C ILE B 79 4.00 -21.03 28.29
N ILE B 80 5.32 -21.00 28.47
CA ILE B 80 5.92 -21.05 29.80
C ILE B 80 5.62 -19.78 30.60
N SER B 81 5.74 -18.61 29.98
CA SER B 81 5.59 -17.33 30.68
C SER B 81 4.99 -16.30 29.75
N PRO B 82 3.67 -16.34 29.56
CA PRO B 82 3.03 -15.51 28.54
C PRO B 82 3.17 -14.02 28.79
N THR B 83 3.62 -13.32 27.74
CA THR B 83 3.53 -11.86 27.62
C THR B 83 2.38 -11.51 26.68
N THR B 84 2.07 -10.23 26.58
CA THR B 84 1.07 -9.78 25.61
C THR B 84 1.51 -9.99 24.17
N GLU B 85 2.79 -10.23 23.91
CA GLU B 85 3.25 -10.52 22.54
C GLU B 85 2.94 -11.94 22.12
N ASP B 86 2.32 -12.72 23.03
CA ASP B 86 2.00 -14.12 22.80
C ASP B 86 0.53 -14.35 22.47
N THR B 87 -0.29 -13.30 22.44
CA THR B 87 -1.70 -13.51 22.11
C THR B 87 -1.85 -13.71 20.61
N ALA B 88 -2.51 -14.80 20.22
CA ALA B 88 -2.64 -15.16 18.82
C ALA B 88 -3.53 -16.40 18.74
N THR B 89 -3.90 -16.76 17.50
CA THR B 89 -4.45 -18.08 17.27
C THR B 89 -3.31 -19.07 17.10
N TYR B 90 -3.41 -20.22 17.74
CA TYR B 90 -2.37 -21.24 17.67
C TYR B 90 -2.91 -22.42 16.89
N PHE B 91 -2.08 -22.94 15.99
CA PHE B 91 -2.46 -23.96 15.04
C PHE B 91 -1.62 -25.20 15.24
N CYS B 92 -2.30 -26.33 15.14
CA CYS B 92 -1.69 -27.64 15.14
C CYS B 92 -1.79 -28.24 13.75
N THR B 93 -0.70 -28.81 13.26
CA THR B 93 -0.68 -29.40 11.93
C THR B 93 -0.09 -30.81 11.95
N GLY B 94 -0.43 -31.61 10.96
CA GLY B 94 0.08 -32.96 10.87
C GLY B 94 0.56 -33.23 9.45
N ASP B 95 1.75 -33.82 9.34
CA ASP B 95 2.31 -34.06 8.02
C ASP B 95 3.01 -35.41 7.95
N ASP B 96 2.62 -36.22 6.95
CA ASP B 96 3.18 -37.55 6.72
C ASP B 96 4.32 -37.53 5.71
N SER B 97 4.98 -36.39 5.52
CA SER B 97 6.09 -36.19 4.60
C SER B 97 5.66 -36.29 3.13
N GLY B 98 4.39 -36.61 2.85
CA GLY B 98 3.92 -36.69 1.49
C GLY B 98 2.57 -36.05 1.26
N ASP B 99 1.56 -36.84 0.91
CA ASP B 99 0.35 -36.25 0.36
C ASP B 99 -0.63 -35.72 1.40
N VAL B 100 -0.45 -36.01 2.70
CA VAL B 100 -1.37 -35.48 3.71
C VAL B 100 -0.69 -34.36 4.49
N ASN B 101 -1.38 -33.23 4.58
CA ASN B 101 -1.00 -32.09 5.40
C ASN B 101 -2.28 -31.59 6.03
N ILE B 102 -2.28 -31.50 7.35
CA ILE B 102 -3.51 -31.46 8.15
C ILE B 102 -3.42 -30.31 9.13
N TRP B 103 -4.45 -29.45 9.18
CA TRP B 103 -4.47 -28.29 10.06
C TRP B 103 -5.70 -28.30 10.95
N GLY B 104 -5.52 -28.07 12.24
CA GLY B 104 -6.66 -27.85 13.11
C GLY B 104 -7.28 -26.49 12.88
N PRO B 105 -8.51 -26.31 13.36
CA PRO B 105 -9.18 -24.99 13.20
C PRO B 105 -8.52 -23.86 13.95
N GLY B 106 -7.68 -24.13 14.95
CA GLY B 106 -6.97 -23.08 15.66
C GLY B 106 -7.62 -22.76 17.00
N THR B 107 -6.80 -22.29 17.94
CA THR B 107 -7.29 -21.94 19.27
C THR B 107 -6.72 -20.59 19.68
N LEU B 108 -7.58 -19.74 20.27
CA LEU B 108 -7.24 -18.35 20.52
C LEU B 108 -6.72 -18.17 21.94
N VAL B 109 -5.50 -17.64 22.06
CA VAL B 109 -4.89 -17.34 23.34
C VAL B 109 -4.84 -15.82 23.46
N THR B 110 -5.42 -15.29 24.54
CA THR B 110 -5.40 -13.86 24.81
C THR B 110 -4.65 -13.60 26.11
N VAL B 111 -3.56 -12.86 26.04
CA VAL B 111 -2.88 -12.45 27.27
C VAL B 111 -3.19 -10.98 27.56
N SER B 112 -3.78 -10.73 28.69
CA SER B 112 -4.01 -9.37 29.15
C SER B 112 -4.33 -9.43 30.61
N SER B 113 -4.37 -8.27 31.21
CA SER B 113 -4.72 -8.20 32.59
C SER B 113 -6.15 -7.73 32.71
N ALA B 114 -6.91 -7.76 31.62
CA ALA B 114 -8.27 -7.33 31.65
C ALA B 114 -9.16 -8.45 32.06
N SER B 115 -10.43 -8.14 32.24
CA SER B 115 -11.37 -9.13 32.74
C SER B 115 -12.35 -9.49 31.65
N THR B 116 -12.74 -10.74 31.62
CA THR B 116 -13.85 -11.15 30.79
C THR B 116 -15.04 -10.23 30.97
N LYS B 117 -15.70 -9.89 29.88
CA LYS B 117 -16.94 -9.12 29.88
C LYS B 117 -17.84 -9.61 28.77
N GLY B 118 -19.05 -9.99 29.12
CA GLY B 118 -20.01 -10.42 28.14
C GLY B 118 -20.48 -9.24 27.32
N PRO B 119 -20.97 -9.49 26.13
CA PRO B 119 -21.45 -8.40 25.28
C PRO B 119 -22.85 -7.99 25.62
N SER B 120 -23.21 -6.79 25.17
CA SER B 120 -24.59 -6.37 25.05
C SER B 120 -24.97 -6.39 23.57
N VAL B 121 -26.20 -6.79 23.28
CA VAL B 121 -26.68 -6.99 21.92
C VAL B 121 -27.84 -6.03 21.70
N PHE B 122 -27.78 -5.24 20.64
CA PHE B 122 -28.81 -4.27 20.30
C PHE B 122 -29.20 -4.49 18.86
N PRO B 123 -30.43 -4.13 18.49
CA PRO B 123 -30.86 -4.31 17.11
C PRO B 123 -30.56 -3.12 16.20
N LEU B 124 -30.24 -3.44 14.95
CA LEU B 124 -30.18 -2.47 13.87
C LEU B 124 -31.47 -2.68 13.10
N ALA B 125 -32.44 -1.82 13.35
CA ALA B 125 -33.80 -2.14 12.94
C ALA B 125 -34.01 -1.80 11.46
N PRO B 126 -34.69 -2.66 10.72
CA PRO B 126 -35.12 -2.30 9.36
C PRO B 126 -35.98 -1.04 9.39
N SER B 127 -35.62 -0.08 8.56
CA SER B 127 -36.27 1.23 8.57
C SER B 127 -36.81 1.55 7.18
N SER B 128 -37.29 2.79 6.98
CA SER B 128 -37.45 3.29 5.62
C SER B 128 -36.11 3.75 5.06
N LYS B 129 -35.24 4.28 5.93
CA LYS B 129 -33.84 4.53 5.61
C LYS B 129 -32.98 3.29 5.81
N SER B 130 -33.60 2.10 5.74
CA SER B 130 -32.91 0.83 5.60
C SER B 130 -33.65 -0.13 4.65
N SER B 132 -34.69 -0.52 0.51
CA SER B 132 -34.72 0.01 -0.84
C SER B 132 -36.05 -0.42 -1.47
N GLY B 133 -36.06 -1.57 -2.11
CA GLY B 133 -37.30 -2.07 -2.70
C GLY B 133 -37.15 -3.56 -2.84
N GLY B 134 -37.75 -4.30 -1.92
CA GLY B 134 -37.37 -5.68 -1.74
C GLY B 134 -35.97 -5.86 -1.21
N THR B 135 -35.30 -4.77 -0.86
CA THR B 135 -33.93 -4.77 -0.33
C THR B 135 -33.99 -4.04 1.01
N ALA B 136 -34.36 -4.76 2.07
CA ALA B 136 -34.38 -4.20 3.41
C ALA B 136 -33.20 -4.75 4.20
N ALA B 137 -32.46 -3.86 4.85
CA ALA B 137 -31.29 -4.22 5.63
C ALA B 137 -31.59 -4.15 7.12
N LEU B 138 -31.17 -5.18 7.87
CA LEU B 138 -31.36 -5.21 9.31
C LEU B 138 -30.14 -5.90 9.91
N GLY B 139 -29.99 -5.81 11.22
CA GLY B 139 -28.83 -6.41 11.83
C GLY B 139 -28.82 -6.30 13.34
N CYS B 140 -27.69 -6.70 13.90
CA CYS B 140 -27.43 -6.72 15.33
C CYS B 140 -26.12 -6.03 15.57
N LEU B 141 -26.00 -5.35 16.71
CA LEU B 141 -24.73 -4.79 17.12
C LEU B 141 -24.36 -5.42 18.46
N VAL B 142 -23.23 -6.12 18.50
CA VAL B 142 -22.79 -6.74 19.74
C VAL B 142 -21.63 -5.91 20.25
N LYS B 143 -21.83 -5.26 21.39
CA LYS B 143 -20.95 -4.20 21.84
C LYS B 143 -20.37 -4.51 23.22
N ASP B 144 -19.10 -4.13 23.39
CA ASP B 144 -18.41 -4.14 24.68
C ASP B 144 -18.27 -5.56 25.24
N TYR B 145 -17.53 -6.39 24.53
CA TYR B 145 -17.20 -7.71 25.03
C TYR B 145 -15.69 -7.87 25.09
N PHE B 146 -15.26 -8.91 25.82
CA PHE B 146 -13.85 -9.24 26.00
C PHE B 146 -13.73 -10.59 26.70
N PRO B 147 -12.84 -11.47 26.23
CA PRO B 147 -12.04 -11.17 25.06
C PRO B 147 -12.73 -11.65 23.80
N GLU B 148 -11.95 -12.01 22.82
CA GLU B 148 -12.50 -12.68 21.66
C GLU B 148 -12.64 -14.16 21.97
N PRO B 149 -13.50 -14.87 21.23
CA PRO B 149 -14.33 -14.38 20.12
C PRO B 149 -15.82 -14.44 20.34
N VAL B 150 -16.52 -13.87 19.38
CA VAL B 150 -17.97 -13.87 19.32
C VAL B 150 -18.36 -14.50 17.99
N THR B 151 -19.29 -15.44 18.03
CA THR B 151 -19.91 -15.95 16.82
C THR B 151 -21.31 -15.36 16.73
N VAL B 152 -21.84 -15.27 15.52
CA VAL B 152 -23.18 -14.71 15.30
C VAL B 152 -23.80 -15.49 14.15
N SER B 153 -25.01 -16.01 14.37
CA SER B 153 -25.78 -16.62 13.30
C SER B 153 -27.17 -15.98 13.26
N TRP B 154 -27.94 -16.32 12.24
CA TRP B 154 -29.26 -15.73 12.06
C TRP B 154 -30.28 -16.84 11.93
N ASN B 155 -31.41 -16.70 12.63
CA ASN B 155 -32.48 -17.70 12.62
C ASN B 155 -31.91 -19.10 12.83
N SER B 156 -31.04 -19.21 13.84
CA SER B 156 -30.38 -20.45 14.24
C SER B 156 -29.64 -21.14 13.10
N GLY B 157 -29.35 -20.43 12.02
CA GLY B 157 -28.62 -20.99 10.90
C GLY B 157 -29.43 -21.10 9.63
N ALA B 158 -30.76 -20.91 9.70
CA ALA B 158 -31.59 -21.01 8.52
C ALA B 158 -31.36 -19.85 7.56
N LEU B 159 -30.93 -18.69 8.05
CA LEU B 159 -30.58 -17.58 7.17
C LEU B 159 -29.08 -17.53 6.98
N THR B 160 -28.67 -17.72 5.74
CA THR B 160 -27.28 -17.76 5.32
C THR B 160 -26.98 -16.72 4.26
N SER B 161 -27.96 -16.44 3.38
CA SER B 161 -27.78 -15.56 2.25
C SER B 161 -28.01 -14.10 2.63
N GLY B 162 -27.10 -13.25 2.20
CA GLY B 162 -27.16 -11.83 2.48
C GLY B 162 -26.41 -11.43 3.73
N VAL B 163 -25.89 -12.37 4.49
CA VAL B 163 -25.31 -12.08 5.78
C VAL B 163 -23.87 -11.59 5.61
N HIS B 164 -23.58 -10.45 6.23
CA HIS B 164 -22.21 -9.97 6.41
C HIS B 164 -22.00 -9.78 7.90
N THR B 165 -21.07 -10.53 8.47
CA THR B 165 -20.64 -10.32 9.85
C THR B 165 -19.28 -9.67 9.79
N PHE B 166 -19.16 -8.49 10.38
CA PHE B 166 -17.92 -7.77 10.18
C PHE B 166 -16.89 -8.20 11.22
N PRO B 167 -15.61 -7.95 10.96
CA PRO B 167 -14.61 -8.17 12.01
C PRO B 167 -14.91 -7.28 13.18
N ALA B 168 -14.41 -7.70 14.34
CA ALA B 168 -14.52 -6.88 15.53
C ALA B 168 -13.47 -5.78 15.49
N VAL B 169 -13.79 -4.67 16.13
CA VAL B 169 -12.84 -3.59 16.32
C VAL B 169 -12.64 -3.40 17.81
N LEU B 170 -11.39 -3.13 18.19
CA LEU B 170 -11.02 -2.78 19.55
C LEU B 170 -11.39 -1.33 19.84
N GLN B 171 -12.31 -1.13 20.79
CA GLN B 171 -12.70 0.24 21.12
C GLN B 171 -11.65 0.89 22.02
N SER B 172 -11.91 2.15 22.34
CA SER B 172 -11.05 2.89 23.26
C SER B 172 -11.09 2.26 24.64
N SER B 173 -12.27 1.78 25.06
CA SER B 173 -12.45 1.17 26.37
C SER B 173 -11.67 -0.11 26.53
N GLY B 174 -10.95 -0.56 25.51
CA GLY B 174 -10.28 -1.83 25.54
C GLY B 174 -11.18 -3.03 25.34
N LEU B 175 -12.43 -2.81 24.96
CA LEU B 175 -13.38 -3.88 24.69
C LEU B 175 -13.77 -3.91 23.22
N TYR B 176 -14.04 -5.11 22.72
CA TYR B 176 -14.40 -5.29 21.33
C TYR B 176 -15.86 -4.92 21.10
N SER B 177 -16.16 -4.64 19.84
CA SER B 177 -17.52 -4.43 19.39
C SER B 177 -17.55 -4.84 17.94
N LEU B 178 -18.65 -5.44 17.49
CA LEU B 178 -18.78 -5.86 16.11
C LEU B 178 -20.25 -5.86 15.74
N SER B 179 -20.52 -5.89 14.45
CA SER B 179 -21.88 -5.93 13.98
C SER B 179 -22.03 -7.06 12.97
N SER B 180 -23.27 -7.46 12.79
CA SER B 180 -23.64 -8.43 11.77
C SER B 180 -24.95 -7.95 11.18
N VAL B 181 -25.01 -7.90 9.85
CA VAL B 181 -26.20 -7.40 9.17
C VAL B 181 -26.62 -8.41 8.10
N VAL B 182 -27.84 -8.25 7.61
CA VAL B 182 -28.35 -9.12 6.56
C VAL B 182 -29.33 -8.33 5.72
N THR B 183 -29.26 -8.55 4.40
CA THR B 183 -30.22 -7.99 3.46
C THR B 183 -31.32 -9.02 3.21
N VAL B 184 -32.53 -8.52 3.02
CA VAL B 184 -33.73 -9.35 3.09
C VAL B 184 -34.82 -8.71 2.24
N PRO B 185 -35.72 -9.48 1.63
CA PRO B 185 -36.80 -8.86 0.86
C PRO B 185 -37.72 -7.98 1.70
N SER B 186 -38.18 -6.88 1.10
CA SER B 186 -39.07 -5.97 1.83
C SER B 186 -40.42 -6.59 2.08
N SER B 187 -40.90 -7.43 1.17
CA SER B 187 -42.19 -8.09 1.32
C SER B 187 -42.20 -9.05 2.52
N SER B 188 -41.09 -9.11 3.25
CA SER B 188 -40.92 -10.14 4.27
C SER B 188 -41.04 -9.61 5.69
N LEU B 189 -41.05 -8.29 5.88
CA LEU B 189 -40.72 -7.71 7.18
C LEU B 189 -41.74 -8.06 8.26
N GLY B 190 -43.02 -8.24 7.90
CA GLY B 190 -44.05 -8.56 8.88
C GLY B 190 -44.27 -10.05 9.07
N THR B 191 -44.32 -10.79 7.97
CA THR B 191 -44.48 -12.23 8.01
C THR B 191 -43.35 -12.87 8.80
N GLN B 192 -42.14 -12.86 8.22
CA GLN B 192 -41.04 -13.65 8.74
C GLN B 192 -40.30 -12.94 9.87
N THR B 193 -39.87 -13.73 10.85
CA THR B 193 -39.21 -13.24 12.05
C THR B 193 -37.70 -13.43 11.94
N TYR B 194 -36.94 -12.39 12.28
CA TYR B 194 -35.49 -12.39 12.16
C TYR B 194 -34.85 -12.29 13.54
N ILE B 195 -33.96 -13.23 13.85
CA ILE B 195 -33.35 -13.34 15.18
C ILE B 195 -31.87 -13.62 15.01
N CYS B 196 -31.02 -12.80 15.62
CA CYS B 196 -29.59 -13.01 15.56
C CYS B 196 -29.14 -13.74 16.81
N ASN B 197 -28.38 -14.82 16.63
CA ASN B 197 -27.97 -15.70 17.72
C ASN B 197 -26.52 -15.40 18.07
N VAL B 198 -26.31 -14.74 19.18
CA VAL B 198 -24.98 -14.31 19.59
C VAL B 198 -24.49 -15.21 20.71
N ASN B 199 -23.23 -15.61 20.64
CA ASN B 199 -22.65 -16.55 21.59
C ASN B 199 -21.24 -16.05 21.89
N HIS B 200 -20.97 -15.72 23.14
CA HIS B 200 -19.64 -15.26 23.54
C HIS B 200 -19.14 -16.23 24.59
N LYS B 201 -18.56 -17.33 24.13
CA LYS B 201 -18.28 -18.43 25.07
C LYS B 201 -17.33 -18.06 26.20
N PRO B 202 -16.37 -17.14 26.07
CA PRO B 202 -15.50 -16.86 27.23
C PRO B 202 -16.22 -16.30 28.43
N SER B 203 -17.52 -16.01 28.32
CA SER B 203 -18.29 -15.52 29.46
C SER B 203 -19.64 -16.25 29.60
N ASN B 204 -19.79 -17.37 28.90
CA ASN B 204 -21.05 -18.12 28.81
C ASN B 204 -22.25 -17.19 28.64
N THR B 205 -22.09 -16.20 27.77
CA THR B 205 -23.21 -15.41 27.29
C THR B 205 -23.76 -16.02 26.01
N LYS B 206 -25.09 -15.98 25.84
CA LYS B 206 -25.70 -16.55 24.65
C LYS B 206 -27.10 -15.95 24.54
N VAL B 207 -27.22 -14.84 23.83
CA VAL B 207 -28.47 -14.12 23.70
C VAL B 207 -28.95 -14.26 22.26
N ASP B 208 -30.26 -14.38 22.08
CA ASP B 208 -30.90 -14.36 20.76
C ASP B 208 -31.85 -13.18 20.72
N LYS B 209 -31.53 -12.15 19.94
CA LYS B 209 -32.33 -10.93 19.88
C LYS B 209 -33.19 -10.91 18.62
N LYS B 210 -34.46 -10.54 18.78
CA LYS B 210 -35.37 -10.42 17.65
C LYS B 210 -35.28 -9.00 17.10
N VAL B 211 -35.13 -8.89 15.79
CA VAL B 211 -34.97 -7.59 15.16
C VAL B 211 -36.28 -7.28 14.43
N GLU B 212 -37.13 -6.49 15.06
CA GLU B 212 -38.36 -6.08 14.42
C GLU B 212 -38.24 -4.63 13.97
N PRO B 213 -39.12 -4.20 13.05
CA PRO B 213 -39.06 -2.84 12.46
C PRO B 213 -39.14 -1.66 13.44
N LYS B 214 -40.00 -0.68 13.14
CA LYS B 214 -40.08 0.50 13.99
C LYS B 214 -41.46 1.15 13.89
N SER B 215 -41.85 1.83 14.97
CA SER B 215 -43.18 2.44 15.12
C SER B 215 -43.30 3.83 14.49
N ASP C 1 8.40 16.50 16.32
CA ASP C 1 7.48 17.01 17.33
C ASP C 1 6.10 17.29 16.74
N ILE C 2 6.01 18.22 15.79
CA ILE C 2 4.77 18.46 15.07
C ILE C 2 4.69 17.50 13.90
N VAL C 3 3.67 16.63 13.90
CA VAL C 3 3.40 15.78 12.75
C VAL C 3 1.98 16.05 12.27
N LEU C 4 1.82 16.11 10.95
CA LEU C 4 0.51 16.24 10.30
C LEU C 4 0.25 14.98 9.49
N THR C 5 -0.76 14.21 9.88
CA THR C 5 -1.06 12.95 9.23
C THR C 5 -2.12 13.16 8.16
N GLN C 6 -1.78 12.82 6.92
CA GLN C 6 -2.70 12.92 5.79
C GLN C 6 -3.32 11.54 5.50
N THR C 7 -4.40 11.56 4.70
CA THR C 7 -5.00 10.33 4.18
C THR C 7 -3.94 9.43 3.51
N ALA C 8 -4.12 8.12 3.66
CA ALA C 8 -3.22 7.15 3.04
C ALA C 8 -3.20 7.27 1.53
N SER C 9 -1.99 7.31 0.95
CA SER C 9 -1.81 7.31 -0.50
C SER C 9 -2.14 5.93 -1.05
N PRO C 10 -2.87 5.82 -2.17
CA PRO C 10 -3.43 6.93 -2.95
C PRO C 10 -4.91 7.14 -2.71
N VAL C 11 -5.42 8.32 -2.97
CA VAL C 11 -6.85 8.49 -3.13
C VAL C 11 -7.10 8.45 -4.62
N SER C 12 -8.21 7.86 -5.03
CA SER C 12 -8.40 7.68 -6.45
C SER C 12 -9.79 8.13 -6.87
N ALA C 13 -9.87 8.60 -8.10
CA ALA C 13 -11.18 8.88 -8.69
C ALA C 13 -11.09 8.84 -10.21
N ALA C 14 -12.23 8.61 -10.83
CA ALA C 14 -12.40 8.72 -12.27
C ALA C 14 -12.63 10.17 -12.67
N VAL C 15 -12.50 10.44 -13.96
CA VAL C 15 -12.72 11.81 -14.44
C VAL C 15 -14.16 12.20 -14.15
N GLY C 16 -14.33 13.38 -13.53
CA GLY C 16 -15.63 13.86 -13.11
C GLY C 16 -16.06 13.44 -11.72
N GLY C 17 -15.21 12.70 -11.01
CA GLY C 17 -15.54 12.24 -9.68
C GLY C 17 -15.08 13.21 -8.61
N THR C 18 -15.08 12.74 -7.37
CA THR C 18 -14.75 13.53 -6.21
C THR C 18 -13.74 12.77 -5.35
N VAL C 19 -12.75 13.49 -4.82
CA VAL C 19 -11.98 12.93 -3.73
C VAL C 19 -11.90 13.92 -2.58
N THR C 20 -11.65 13.38 -1.40
CA THR C 20 -11.35 14.16 -0.22
C THR C 20 -10.02 13.68 0.33
N ILE C 21 -9.11 14.59 0.57
CA ILE C 21 -7.89 14.33 1.33
C ILE C 21 -8.01 14.98 2.70
N ASN C 22 -7.55 14.27 3.72
CA ASN C 22 -7.70 14.75 5.10
C ASN C 22 -6.32 15.00 5.69
N CYS C 23 -6.24 16.02 6.53
CA CYS C 23 -5.04 16.40 7.26
C CYS C 23 -5.43 16.51 8.73
N GLN C 24 -4.59 15.95 9.61
CA GLN C 24 -4.79 16.05 11.05
C GLN C 24 -3.49 16.48 11.70
N SER C 25 -3.50 17.65 12.34
CA SER C 25 -2.33 18.19 13.01
C SER C 25 -2.28 17.77 14.48
N SER C 26 -1.06 17.62 14.98
CA SER C 26 -0.89 17.11 16.34
C SER C 26 -1.32 18.16 17.37
N GLN C 27 -0.84 19.41 17.23
CA GLN C 27 -1.35 20.57 17.96
C GLN C 27 -2.37 21.30 17.07
N SER C 28 -2.97 22.35 17.61
CA SER C 28 -3.81 23.22 16.79
C SER C 28 -2.93 24.15 15.95
N VAL C 29 -3.40 24.46 14.74
CA VAL C 29 -2.66 25.43 13.92
C VAL C 29 -2.94 26.83 14.43
N TYR C 30 -2.05 27.76 14.08
CA TYR C 30 -2.22 29.16 14.46
C TYR C 30 -3.62 29.64 14.14
N THR C 31 -4.29 30.22 15.15
CA THR C 31 -5.64 30.77 15.05
C THR C 31 -6.64 29.73 14.52
N ASN C 32 -6.30 28.46 14.64
CA ASN C 32 -7.19 27.35 14.28
C ASN C 32 -7.62 27.36 12.82
N ASN C 33 -6.90 28.04 11.92
CA ASN C 33 -7.34 28.09 10.54
C ASN C 33 -6.23 28.39 9.55
N ARG C 34 -4.99 28.44 10.01
CA ARG C 34 -3.87 28.75 9.12
C ARG C 34 -3.28 27.41 8.68
N LEU C 35 -3.90 26.85 7.65
CA LEU C 35 -3.45 25.61 7.01
C LEU C 35 -3.70 25.72 5.53
N ALA C 36 -2.68 25.37 4.75
CA ALA C 36 -2.69 25.49 3.30
C ALA C 36 -2.57 24.12 2.66
N TRP C 37 -2.90 24.08 1.37
CA TRP C 37 -2.83 22.87 0.56
C TRP C 37 -2.06 23.20 -0.70
N TYR C 38 -1.03 22.40 -0.98
CA TYR C 38 -0.14 22.52 -2.12
C TYR C 38 -0.22 21.28 -3.01
N GLN C 39 -0.38 21.51 -4.30
CA GLN C 39 -0.28 20.44 -5.30
C GLN C 39 1.15 20.38 -5.84
N GLN C 40 1.65 19.17 -6.07
CA GLN C 40 2.96 18.99 -6.69
C GLN C 40 2.88 17.90 -7.75
N LYS C 41 2.99 18.29 -9.01
CA LYS C 41 3.21 17.36 -10.10
C LYS C 41 4.69 16.99 -10.15
N PRO C 42 5.01 15.80 -10.67
CA PRO C 42 6.40 15.33 -10.63
C PRO C 42 7.35 16.24 -11.39
N GLY C 43 8.49 16.53 -10.76
CA GLY C 43 9.54 17.34 -11.36
C GLY C 43 9.25 18.83 -11.37
N GLN C 44 8.00 19.19 -11.14
CA GLN C 44 7.62 20.57 -10.94
C GLN C 44 7.80 20.94 -9.48
N PRO C 45 7.82 22.24 -9.16
CA PRO C 45 7.67 22.67 -7.76
C PRO C 45 6.19 22.61 -7.39
N ALA C 46 5.91 22.90 -6.13
CA ALA C 46 4.55 22.86 -5.63
C ALA C 46 3.81 24.16 -5.94
N LYS C 47 2.50 24.07 -6.10
CA LYS C 47 1.73 25.30 -6.25
C LYS C 47 0.65 25.37 -5.18
N GLU C 48 0.32 26.60 -4.78
CA GLU C 48 -0.65 26.82 -3.70
C GLU C 48 -2.06 26.55 -4.22
N MET C 49 -2.71 25.56 -3.63
CA MET C 49 -4.10 25.34 -3.97
C MET C 49 -5.04 26.08 -3.04
N ILE C 50 -4.73 26.13 -1.75
CA ILE C 50 -5.59 26.82 -0.78
C ILE C 50 -4.75 27.31 0.38
N TYR C 51 -5.09 28.47 0.94
CA TYR C 51 -4.46 28.92 2.18
C TYR C 51 -5.51 29.40 3.17
N GLY C 52 -5.12 29.43 4.44
CA GLY C 52 -6.03 29.80 5.50
C GLY C 52 -7.24 28.91 5.56
N ALA C 53 -6.99 27.60 5.50
CA ALA C 53 -8.01 26.56 5.59
C ALA C 53 -8.99 26.55 4.43
N SER C 54 -9.43 27.71 3.92
CA SER C 54 -10.45 27.70 2.86
C SER C 54 -10.34 28.76 1.77
N THR C 55 -9.31 29.61 1.78
CA THR C 55 -9.25 30.68 0.79
C THR C 55 -8.73 30.16 -0.54
N LEU C 56 -9.53 30.34 -1.60
CA LEU C 56 -9.19 30.08 -3.00
C LEU C 56 -8.35 31.21 -3.59
N PRO C 57 -7.06 30.99 -3.83
CA PRO C 57 -6.28 32.01 -4.55
C PRO C 57 -6.85 32.22 -5.93
N SER C 58 -6.67 33.44 -6.43
CA SER C 58 -7.03 33.71 -7.80
C SER C 58 -6.27 32.77 -8.73
N GLY C 59 -6.95 32.28 -9.75
CA GLY C 59 -6.27 31.43 -10.70
C GLY C 59 -6.19 29.97 -10.31
N VAL C 60 -6.53 29.61 -9.06
CA VAL C 60 -6.80 28.21 -8.71
C VAL C 60 -8.27 27.96 -8.94
N SER C 61 -8.60 26.75 -9.41
CA SER C 61 -9.94 26.45 -9.87
C SER C 61 -10.92 26.26 -8.71
N SER C 62 -12.19 26.58 -8.97
CA SER C 62 -13.24 26.40 -7.97
C SER C 62 -13.37 24.96 -7.52
N ARG C 63 -12.92 24.02 -8.34
CA ARG C 63 -13.06 22.61 -8.02
C ARG C 63 -12.31 22.22 -6.76
N PHE C 64 -11.42 23.07 -6.26
CA PHE C 64 -10.70 22.79 -5.02
C PHE C 64 -11.37 23.53 -3.86
N LYS C 65 -11.79 22.78 -2.83
CA LYS C 65 -12.47 23.36 -1.69
C LYS C 65 -11.77 22.91 -0.41
N GLY C 66 -11.39 23.86 0.43
CA GLY C 66 -10.74 23.58 1.69
C GLY C 66 -11.70 23.78 2.84
N SER C 67 -11.56 22.96 3.88
CA SER C 67 -12.53 22.99 4.97
C SER C 67 -11.82 22.60 6.25
N GLY C 68 -12.47 22.92 7.36
CA GLY C 68 -12.03 22.43 8.66
C GLY C 68 -11.61 23.55 9.56
N SER C 69 -11.01 23.16 10.69
CA SER C 69 -10.67 24.10 11.76
C SER C 69 -10.03 23.36 12.92
N GLY C 70 -9.06 23.99 13.56
CA GLY C 70 -8.48 23.45 14.76
C GLY C 70 -7.36 22.48 14.50
N THR C 71 -7.68 21.19 14.54
CA THR C 71 -6.70 20.15 14.24
C THR C 71 -7.12 19.27 13.09
N GLN C 72 -8.26 19.53 12.45
CA GLN C 72 -8.81 18.64 11.43
C GLN C 72 -9.20 19.46 10.22
N PHE C 73 -8.61 19.14 9.08
CA PHE C 73 -8.82 19.91 7.86
C PHE C 73 -8.94 18.93 6.69
N ALA C 74 -9.58 19.41 5.62
CA ALA C 74 -9.77 18.58 4.44
C ALA C 74 -9.72 19.42 3.19
N LEU C 75 -9.22 18.81 2.13
CA LEU C 75 -9.32 19.36 0.79
C LEU C 75 -10.19 18.43 -0.05
N THR C 76 -11.10 19.00 -0.82
CA THR C 76 -12.04 18.21 -1.61
C THR C 76 -11.99 18.70 -3.05
N ILE C 77 -11.59 17.80 -3.95
CA ILE C 77 -11.55 18.08 -5.38
C ILE C 77 -12.79 17.49 -6.02
N SER C 78 -13.50 18.32 -6.79
CA SER C 78 -14.74 17.92 -7.44
C SER C 78 -14.55 17.98 -8.94
N ASP C 79 -15.42 17.25 -9.64
CA ASP C 79 -15.27 17.09 -11.08
C ASP C 79 -13.80 16.86 -11.39
N VAL C 80 -13.26 15.71 -11.00
CA VAL C 80 -11.83 15.49 -11.13
C VAL C 80 -11.43 15.43 -12.61
N GLN C 81 -10.21 15.87 -12.88
CA GLN C 81 -9.67 15.98 -14.22
C GLN C 81 -8.35 15.21 -14.29
N ALA C 82 -8.00 14.75 -15.48
CA ALA C 82 -6.80 13.93 -15.63
C ALA C 82 -5.54 14.68 -15.20
N ASP C 83 -5.45 15.99 -15.50
CA ASP C 83 -4.25 16.70 -15.04
C ASP C 83 -4.21 16.88 -13.52
N ASP C 84 -5.31 16.62 -12.81
CA ASP C 84 -5.30 16.69 -11.35
C ASP C 84 -4.34 15.70 -10.70
N ALA C 85 -3.84 14.70 -11.43
CA ALA C 85 -2.94 13.73 -10.84
C ALA C 85 -1.70 14.41 -10.27
N ALA C 86 -1.56 14.39 -8.95
CA ALA C 86 -0.39 14.99 -8.31
C ALA C 86 -0.20 14.33 -6.96
N THR C 87 0.76 14.84 -6.19
CA THR C 87 0.81 14.59 -4.76
C THR C 87 0.35 15.85 -4.06
N TYR C 88 -0.50 15.71 -3.06
CA TYR C 88 -1.05 16.86 -2.37
C TYR C 88 -0.57 16.91 -0.93
N TYR C 89 -0.04 18.06 -0.52
CA TYR C 89 0.49 18.25 0.82
C TYR C 89 -0.30 19.31 1.58
N CYS C 90 -0.61 19.05 2.84
CA CYS C 90 -1.06 20.14 3.70
C CYS C 90 0.13 20.76 4.43
N LEU C 91 0.02 22.05 4.71
CA LEU C 91 1.05 22.78 5.43
C LEU C 91 0.42 23.61 6.53
N GLY C 92 0.81 23.37 7.76
CA GLY C 92 0.33 24.13 8.90
C GLY C 92 1.30 25.19 9.36
N THR C 93 0.74 26.30 9.84
CA THR C 93 1.51 27.35 10.52
C THR C 93 1.22 27.28 12.02
N TYR C 94 2.19 27.68 12.83
CA TYR C 94 2.08 27.63 14.29
C TYR C 94 2.68 28.90 14.88
N ASP C 95 2.69 28.98 16.23
CA ASP C 95 3.25 30.15 16.90
C ASP C 95 4.76 30.04 16.91
N CYS C 96 5.44 30.96 16.22
CA CYS C 96 6.88 30.87 16.09
C CYS C 96 7.58 30.91 17.45
N LEU C 97 7.00 31.61 18.43
CA LEU C 97 7.65 31.74 19.73
C LEU C 97 7.60 30.46 20.55
N SER C 98 6.66 29.55 20.26
CA SER C 98 6.54 28.30 21.01
C SER C 98 6.80 27.03 20.20
N ALA C 99 6.85 27.12 18.88
CA ALA C 99 6.99 25.94 18.04
C ALA C 99 7.55 26.35 16.68
N ASP C 100 7.78 25.35 15.83
CA ASP C 100 8.25 25.61 14.47
C ASP C 100 7.17 26.34 13.69
N CYS C 101 7.54 27.42 12.99
CA CYS C 101 6.52 28.20 12.31
C CYS C 101 5.70 27.35 11.35
N LEU C 102 6.33 26.37 10.71
CA LEU C 102 5.68 25.65 9.62
C LEU C 102 5.94 24.15 9.73
N ALA C 103 5.01 23.38 9.18
CA ALA C 103 5.21 21.94 9.06
C ALA C 103 4.39 21.38 7.92
N PHE C 104 4.99 20.43 7.18
CA PHE C 104 4.39 19.77 6.02
C PHE C 104 3.84 18.41 6.42
N GLY C 105 2.73 18.03 5.80
CA GLY C 105 2.20 16.69 5.97
C GLY C 105 2.92 15.70 5.08
N GLY C 106 2.53 14.43 5.20
CA GLY C 106 3.19 13.35 4.48
C GLY C 106 2.93 13.33 2.98
N GLY C 107 1.90 14.02 2.52
CA GLY C 107 1.53 13.97 1.13
C GLY C 107 0.56 12.84 0.84
N THR C 108 -0.27 13.05 -0.19
CA THR C 108 -1.27 12.09 -0.60
C THR C 108 -1.38 12.13 -2.12
N LYS C 109 -1.21 10.98 -2.76
CA LYS C 109 -1.21 10.90 -4.22
C LYS C 109 -2.64 10.71 -4.71
N LEU C 110 -3.03 11.53 -5.69
CA LEU C 110 -4.28 11.32 -6.39
C LEU C 110 -3.98 10.47 -7.61
N GLU C 111 -4.65 9.33 -7.71
CA GLU C 111 -4.56 8.45 -8.86
C GLU C 111 -5.88 8.50 -9.63
N ILE C 112 -5.78 8.74 -10.93
CA ILE C 112 -6.96 8.78 -11.79
C ILE C 112 -7.32 7.36 -12.19
N LYS C 113 -8.59 7.00 -12.03
CA LYS C 113 -9.05 5.68 -12.40
C LYS C 113 -9.52 5.70 -13.85
N ARG C 114 -9.15 4.66 -14.59
CA ARG C 114 -9.52 4.52 -15.99
C ARG C 114 -9.65 3.04 -16.29
N THR C 115 -10.21 2.74 -17.46
CA THR C 115 -10.41 1.35 -17.85
C THR C 115 -9.06 0.67 -17.99
N VAL C 116 -9.03 -0.65 -17.76
CA VAL C 116 -7.72 -1.29 -17.80
C VAL C 116 -7.25 -1.40 -19.24
N ALA C 117 -5.94 -1.27 -19.41
CA ALA C 117 -5.33 -1.27 -20.72
C ALA C 117 -4.08 -2.11 -20.59
N ALA C 118 -3.97 -3.13 -21.43
CA ALA C 118 -2.78 -3.97 -21.44
C ALA C 118 -1.63 -3.21 -22.08
N PRO C 119 -0.40 -3.49 -21.67
CA PRO C 119 0.74 -2.80 -22.27
C PRO C 119 1.06 -3.34 -23.66
N SER C 120 1.68 -2.49 -24.44
CA SER C 120 2.40 -2.90 -25.63
C SER C 120 3.85 -3.12 -25.20
N VAL C 121 4.40 -4.26 -25.56
CA VAL C 121 5.72 -4.68 -25.08
C VAL C 121 6.71 -4.65 -26.23
N PHE C 122 7.90 -4.11 -25.99
CA PHE C 122 9.00 -4.09 -26.94
C PHE C 122 10.26 -4.52 -26.20
N ILE C 123 11.12 -5.25 -26.91
CA ILE C 123 12.42 -5.64 -26.37
C ILE C 123 13.50 -4.98 -27.21
N PHE C 124 14.66 -4.76 -26.58
CA PHE C 124 15.76 -4.04 -27.20
C PHE C 124 17.06 -4.78 -26.96
N PRO C 125 17.67 -5.37 -28.00
CA PRO C 125 18.95 -6.07 -27.80
C PRO C 125 20.05 -5.07 -27.53
N PRO C 126 21.11 -5.48 -26.80
CA PRO C 126 22.15 -4.51 -26.40
C PRO C 126 22.89 -3.95 -27.61
N SER C 127 23.40 -2.73 -27.47
CA SER C 127 24.07 -2.08 -28.60
C SER C 127 25.48 -2.61 -28.77
N ASP C 128 25.94 -2.60 -30.02
CA ASP C 128 27.30 -3.04 -30.30
C ASP C 128 28.33 -2.15 -29.64
N GLU C 129 28.10 -0.82 -29.68
CA GLU C 129 28.97 0.12 -28.98
C GLU C 129 29.14 -0.29 -27.53
N GLN C 130 28.03 -0.62 -26.85
CA GLN C 130 28.10 -0.97 -25.45
C GLN C 130 28.83 -2.30 -25.25
N LEU C 131 28.54 -3.28 -26.12
CA LEU C 131 29.22 -4.57 -26.06
C LEU C 131 30.73 -4.41 -26.06
N LYS C 132 31.25 -3.44 -26.83
CA LYS C 132 32.69 -3.17 -26.88
C LYS C 132 33.27 -2.97 -25.49
N SER C 133 32.51 -2.30 -24.60
CA SER C 133 33.02 -1.98 -23.27
C SER C 133 33.11 -3.21 -22.37
N GLY C 134 32.19 -4.16 -22.52
CA GLY C 134 32.31 -5.40 -21.76
C GLY C 134 31.11 -5.81 -20.91
N THR C 135 30.10 -4.94 -20.82
CA THR C 135 28.84 -5.26 -20.16
C THR C 135 27.72 -4.98 -21.17
N ALA C 136 26.80 -5.94 -21.31
CA ALA C 136 25.64 -5.78 -22.18
C ALA C 136 24.38 -5.49 -21.35
N SER C 137 23.52 -4.61 -21.87
CA SER C 137 22.26 -4.25 -21.23
C SER C 137 21.12 -4.45 -22.21
N VAL C 138 20.20 -5.35 -21.88
CA VAL C 138 18.99 -5.57 -22.67
C VAL C 138 17.81 -4.94 -21.96
N VAL C 139 16.94 -4.27 -22.72
CA VAL C 139 15.93 -3.36 -22.20
C VAL C 139 14.55 -3.77 -22.70
N CYS C 140 13.64 -4.00 -21.76
CA CYS C 140 12.25 -4.35 -22.03
C CYS C 140 11.39 -3.13 -21.76
N LEU C 141 10.42 -2.85 -22.64
CA LEU C 141 9.60 -1.65 -22.53
C LEU C 141 8.11 -1.99 -22.54
N LEU C 142 7.40 -1.52 -21.51
CA LEU C 142 5.95 -1.67 -21.42
C LEU C 142 5.32 -0.29 -21.55
N ASN C 143 4.43 -0.15 -22.53
CA ASN C 143 3.98 1.16 -22.97
C ASN C 143 2.50 1.34 -22.76
N ASN C 144 2.14 2.41 -22.05
CA ASN C 144 0.78 2.93 -21.99
C ASN C 144 -0.21 1.90 -21.47
N PHE C 145 0.05 1.41 -20.26
CA PHE C 145 -0.85 0.44 -19.63
C PHE C 145 -1.46 1.04 -18.36
N TYR C 146 -2.58 0.45 -17.95
CA TYR C 146 -3.24 0.78 -16.72
C TYR C 146 -3.95 -0.46 -16.20
N PRO C 147 -3.85 -0.76 -14.89
CA PRO C 147 -3.17 -0.03 -13.82
C PRO C 147 -1.67 -0.28 -13.77
N ARG C 148 -0.99 0.37 -12.82
CA ARG C 148 0.46 0.30 -12.74
C ARG C 148 0.97 -1.08 -12.34
N GLU C 149 0.16 -1.94 -11.75
CA GLU C 149 0.66 -3.24 -11.37
C GLU C 149 1.01 -4.07 -12.59
N ALA C 150 2.24 -4.55 -12.63
CA ALA C 150 2.77 -5.27 -13.77
C ALA C 150 4.13 -5.82 -13.35
N LYS C 151 4.37 -7.09 -13.62
CA LYS C 151 5.67 -7.66 -13.30
C LYS C 151 6.29 -8.24 -14.55
N VAL C 152 7.61 -8.12 -14.63
CA VAL C 152 8.40 -8.60 -15.77
C VAL C 152 9.38 -9.63 -15.24
N GLN C 153 9.28 -10.86 -15.75
CA GLN C 153 10.27 -11.88 -15.48
C GLN C 153 11.23 -11.98 -16.66
N TRP C 154 12.52 -11.90 -16.38
CA TRP C 154 13.59 -12.04 -17.37
C TRP C 154 14.05 -13.50 -17.46
N LYS C 155 14.00 -14.06 -18.67
CA LYS C 155 14.46 -15.43 -18.89
C LYS C 155 15.56 -15.42 -19.95
N VAL C 156 16.72 -15.95 -19.59
CA VAL C 156 17.83 -16.14 -20.51
C VAL C 156 17.87 -17.61 -20.86
N ASP C 157 17.70 -17.90 -22.15
CA ASP C 157 17.20 -19.21 -22.60
C ASP C 157 15.93 -19.43 -21.79
N ASN C 158 15.72 -20.57 -21.15
CA ASN C 158 14.56 -20.65 -20.27
C ASN C 158 14.95 -20.64 -18.79
N ALA C 159 15.95 -19.83 -18.46
CA ALA C 159 16.45 -19.71 -17.08
C ALA C 159 16.06 -18.34 -16.53
N LEU C 160 15.18 -18.35 -15.53
CA LEU C 160 14.68 -17.11 -14.94
C LEU C 160 15.80 -16.36 -14.23
N GLN C 161 15.83 -15.05 -14.43
CA GLN C 161 16.88 -14.19 -13.93
C GLN C 161 16.38 -13.42 -12.72
N SER C 162 17.23 -13.30 -11.69
CA SER C 162 16.89 -12.62 -10.44
C SER C 162 18.08 -11.81 -9.96
N GLY C 163 17.81 -10.60 -9.46
CA GLY C 163 18.85 -9.75 -8.93
C GLY C 163 19.64 -8.97 -9.96
N ASN C 164 19.68 -9.44 -11.21
CA ASN C 164 20.41 -8.78 -12.29
C ASN C 164 19.55 -7.82 -13.09
N SER C 165 18.40 -7.42 -12.57
CA SER C 165 17.47 -6.54 -13.25
C SER C 165 17.21 -5.31 -12.39
N GLN C 166 16.79 -4.24 -13.05
CA GLN C 166 16.27 -3.04 -12.40
C GLN C 166 15.18 -2.46 -13.29
N GLU C 167 14.20 -1.81 -12.68
CA GLU C 167 13.05 -1.33 -13.46
C GLU C 167 12.60 0.03 -12.94
N SER C 168 11.87 0.74 -13.79
CA SER C 168 11.51 2.13 -13.56
C SER C 168 10.15 2.39 -14.19
N VAL C 169 9.31 3.15 -13.51
CA VAL C 169 7.96 3.45 -13.98
C VAL C 169 7.81 4.95 -14.14
N THR C 170 7.10 5.36 -15.18
CA THR C 170 6.78 6.77 -15.29
C THR C 170 5.67 7.14 -14.31
N GLU C 171 5.48 8.44 -14.21
CA GLU C 171 4.34 8.99 -13.51
C GLU C 171 3.10 8.90 -14.38
N GLN C 172 1.94 8.86 -13.74
CA GLN C 172 0.70 8.66 -14.47
C GLN C 172 0.57 9.77 -15.51
N ASP C 173 0.27 9.38 -16.74
CA ASP C 173 0.17 10.36 -17.81
C ASP C 173 -0.93 11.36 -17.49
N SER C 174 -0.67 12.62 -17.81
CA SER C 174 -1.61 13.70 -17.49
C SER C 174 -2.75 13.84 -18.47
N LYS C 175 -2.69 13.16 -19.61
CA LYS C 175 -3.74 13.22 -20.62
C LYS C 175 -4.54 11.93 -20.71
N ASP C 176 -3.89 10.76 -20.70
CA ASP C 176 -4.61 9.49 -20.84
C ASP C 176 -4.56 8.61 -19.58
N SER C 177 -3.84 9.04 -18.54
CA SER C 177 -3.84 8.40 -17.23
C SER C 177 -3.21 6.99 -17.26
N THR C 178 -2.30 6.71 -18.20
CA THR C 178 -1.63 5.43 -18.24
C THR C 178 -0.23 5.51 -17.63
N TYR C 179 0.41 4.34 -17.51
CA TYR C 179 1.77 4.23 -17.03
C TYR C 179 2.64 3.56 -18.11
N SER C 180 3.96 3.71 -17.95
CA SER C 180 4.93 3.02 -18.81
C SER C 180 6.10 2.59 -17.95
N LEU C 181 6.72 1.47 -18.33
CA LEU C 181 7.74 0.85 -17.50
C LEU C 181 8.90 0.36 -18.36
N SER C 182 10.13 0.59 -17.91
CA SER C 182 11.33 0.06 -18.56
C SER C 182 12.10 -0.79 -17.57
N SER C 183 12.30 -2.06 -17.90
CA SER C 183 13.11 -2.99 -17.14
C SER C 183 14.42 -3.26 -17.89
N THR C 184 15.52 -3.27 -17.14
CA THR C 184 16.85 -3.35 -17.72
C THR C 184 17.61 -4.52 -17.09
N LEU C 185 17.82 -5.57 -17.89
CA LEU C 185 18.67 -6.69 -17.52
C LEU C 185 20.10 -6.43 -17.97
N THR C 186 21.06 -6.70 -17.08
CA THR C 186 22.47 -6.39 -17.35
C THR C 186 23.33 -7.61 -17.10
N LEU C 187 24.04 -8.05 -18.14
CA LEU C 187 24.94 -9.19 -18.14
C LEU C 187 26.34 -8.74 -18.52
N SER C 188 27.34 -9.53 -18.11
CA SER C 188 28.68 -9.38 -18.66
C SER C 188 28.70 -9.91 -20.08
N LYS C 189 29.48 -9.25 -20.96
CA LYS C 189 29.54 -9.65 -22.36
C LYS C 189 29.82 -11.14 -22.49
N ALA C 190 30.71 -11.67 -21.64
CA ALA C 190 30.95 -13.11 -21.61
C ALA C 190 29.64 -13.89 -21.45
N ASP C 191 28.94 -13.63 -20.34
CA ASP C 191 27.67 -14.30 -20.08
C ASP C 191 26.66 -14.02 -21.18
N TYR C 192 26.67 -12.80 -21.75
CA TYR C 192 25.70 -12.45 -22.77
C TYR C 192 25.87 -13.31 -24.01
N GLU C 193 27.10 -13.56 -24.43
CA GLU C 193 27.28 -14.36 -25.63
C GLU C 193 27.41 -15.85 -25.34
N LYS C 194 27.42 -16.24 -24.06
CA LYS C 194 27.29 -17.67 -23.76
C LYS C 194 25.90 -18.22 -24.05
N HIS C 195 24.88 -17.37 -24.28
CA HIS C 195 23.50 -17.81 -24.40
C HIS C 195 22.84 -17.13 -25.58
N LYS C 196 21.66 -17.65 -25.97
CA LYS C 196 21.08 -17.31 -27.28
C LYS C 196 19.72 -16.62 -27.18
N VAL C 197 18.72 -17.22 -26.52
CA VAL C 197 17.36 -16.66 -26.48
C VAL C 197 17.20 -15.76 -25.25
N TYR C 198 16.72 -14.54 -25.49
CA TYR C 198 16.54 -13.52 -24.45
C TYR C 198 15.11 -13.01 -24.51
N ALA C 199 14.33 -13.30 -23.47
CA ALA C 199 12.95 -12.85 -23.44
C ALA C 199 12.64 -12.18 -22.10
N CYS C 200 11.75 -11.19 -22.14
CA CYS C 200 11.06 -10.69 -20.97
C CYS C 200 9.60 -11.11 -21.07
N GLU C 201 9.10 -11.74 -20.00
CA GLU C 201 7.70 -12.13 -19.89
C GLU C 201 6.98 -11.10 -19.05
N VAL C 202 5.82 -10.65 -19.52
CA VAL C 202 5.06 -9.58 -18.87
C VAL C 202 3.74 -10.15 -18.41
N THR C 203 3.39 -9.89 -17.15
CA THR C 203 2.09 -10.26 -16.61
C THR C 203 1.34 -9.01 -16.18
N HIS C 204 0.05 -8.97 -16.52
CA HIS C 204 -0.73 -7.78 -16.29
C HIS C 204 -2.22 -8.12 -16.31
N GLN C 205 -2.97 -7.42 -15.45
CA GLN C 205 -4.43 -7.58 -15.39
C GLN C 205 -5.08 -7.56 -16.76
N GLY C 206 -4.52 -6.81 -17.71
CA GLY C 206 -5.14 -6.57 -18.99
C GLY C 206 -5.05 -7.72 -19.96
N LEU C 207 -4.36 -8.81 -19.57
CA LEU C 207 -4.18 -10.01 -20.40
C LEU C 207 -4.37 -11.26 -19.57
N SER C 208 -5.14 -12.22 -20.10
CA SER C 208 -5.49 -13.40 -19.31
C SER C 208 -4.32 -14.37 -19.16
N SER C 209 -3.39 -14.36 -20.10
CA SER C 209 -2.16 -15.12 -19.96
C SER C 209 -1.01 -14.19 -20.27
N PRO C 210 0.18 -14.50 -19.76
CA PRO C 210 1.33 -13.62 -19.97
C PRO C 210 1.73 -13.57 -21.43
N VAL C 211 2.58 -12.60 -21.72
CA VAL C 211 2.95 -12.29 -23.09
C VAL C 211 4.47 -12.16 -23.13
N THR C 212 5.09 -12.83 -24.09
CA THR C 212 6.54 -12.82 -24.20
C THR C 212 6.96 -12.01 -25.42
N LYS C 213 8.12 -11.36 -25.35
CA LYS C 213 8.79 -10.70 -26.44
C LYS C 213 10.24 -11.22 -26.30
N SER C 214 10.76 -11.92 -27.32
CA SER C 214 12.08 -12.52 -27.29
C SER C 214 12.86 -12.11 -28.52
N PHE C 215 14.18 -12.14 -28.37
CA PHE C 215 15.12 -11.95 -29.47
C PHE C 215 16.27 -12.94 -29.29
N ASN C 216 16.81 -13.42 -30.42
CA ASN C 216 17.99 -14.26 -30.39
C ASN C 216 19.19 -13.47 -30.84
N ARG C 217 20.36 -13.76 -30.26
CA ARG C 217 21.57 -12.99 -30.52
C ARG C 217 21.90 -12.91 -32.01
N GLY C 218 21.76 -14.03 -32.73
CA GLY C 218 21.91 -14.00 -34.17
C GLY C 218 20.77 -13.28 -34.85
N GLU C 219 20.72 -11.95 -34.73
CA GLU C 219 19.68 -11.09 -35.29
C GLU C 219 19.05 -11.61 -36.58
N GLN D 1 7.48 38.35 -7.82
CA GLN D 1 6.66 37.48 -8.64
C GLN D 1 7.43 36.39 -9.36
N SER D 2 8.75 36.36 -9.18
CA SER D 2 9.59 35.25 -9.62
C SER D 2 10.62 34.96 -8.55
N VAL D 3 11.31 33.84 -8.71
CA VAL D 3 12.35 33.39 -7.79
C VAL D 3 13.12 32.26 -8.45
N LYS D 4 14.46 32.26 -8.29
CA LYS D 4 15.28 31.18 -8.83
C LYS D 4 16.41 30.84 -7.87
N GLU D 5 16.49 29.56 -7.51
CA GLU D 5 17.54 29.01 -6.67
C GLU D 5 18.81 28.76 -7.50
N SER D 6 19.97 28.79 -6.83
CA SER D 6 21.21 28.40 -7.48
C SER D 6 22.22 27.93 -6.44
N GLY D 7 23.16 27.08 -6.87
CA GLY D 7 24.25 26.68 -6.01
C GLY D 7 24.38 25.21 -5.72
N GLY D 8 23.59 24.38 -6.41
CA GLY D 8 23.60 22.96 -6.15
C GLY D 8 24.75 22.25 -6.85
N ARG D 9 25.37 21.32 -6.13
CA ARG D 9 26.61 20.73 -6.62
C ARG D 9 26.86 19.46 -5.82
N LEU D 10 27.63 18.54 -6.41
CA LEU D 10 28.14 17.41 -5.66
C LEU D 10 29.16 17.89 -4.64
N VAL D 11 28.97 17.52 -3.39
CA VAL D 11 29.85 17.98 -2.33
C VAL D 11 30.34 16.78 -1.52
N THR D 12 31.61 16.85 -1.11
CA THR D 12 32.01 15.69 -0.32
C THR D 12 31.64 15.91 1.15
N PRO D 13 31.24 14.86 1.88
CA PRO D 13 30.66 15.05 3.22
C PRO D 13 31.50 15.97 4.09
N GLY D 14 30.84 16.97 4.68
CA GLY D 14 31.47 17.92 5.55
C GLY D 14 31.77 19.26 4.91
N THR D 15 31.99 19.29 3.60
CA THR D 15 32.36 20.53 2.93
C THR D 15 31.21 21.54 2.98
N PRO D 16 31.41 22.74 3.55
CA PRO D 16 30.34 23.74 3.56
C PRO D 16 29.89 24.12 2.15
N LEU D 17 28.64 24.56 2.06
CA LEU D 17 28.07 24.99 0.80
C LEU D 17 26.91 25.95 1.08
N THR D 18 26.82 27.01 0.29
CA THR D 18 25.80 28.03 0.45
C THR D 18 24.96 28.08 -0.82
N LEU D 19 23.64 28.05 -0.67
CA LEU D 19 22.71 28.23 -1.78
C LEU D 19 22.16 29.64 -1.77
N THR D 20 21.78 30.11 -2.95
CA THR D 20 21.33 31.48 -3.16
C THR D 20 20.00 31.49 -3.91
N CYS D 21 19.16 32.48 -3.59
CA CYS D 21 17.78 32.59 -4.07
C CYS D 21 17.59 34.01 -4.60
N LYS D 22 17.53 34.18 -5.92
CA LYS D 22 17.53 35.50 -6.53
C LYS D 22 16.11 35.92 -6.87
N VAL D 23 15.67 37.03 -6.27
CA VAL D 23 14.32 37.54 -6.43
C VAL D 23 14.18 38.25 -7.77
N SER D 24 12.92 38.45 -8.18
CA SER D 24 12.62 39.18 -9.41
C SER D 24 11.18 39.66 -9.32
N GLY D 25 10.97 40.97 -9.47
CA GLY D 25 9.64 41.55 -9.46
C GLY D 25 9.07 41.97 -8.11
N PHE D 26 9.85 41.93 -7.04
CA PHE D 26 9.35 42.30 -5.71
C PHE D 26 10.54 42.58 -4.80
N SER D 27 10.25 43.05 -3.59
CA SER D 27 11.27 43.39 -2.60
C SER D 27 11.25 42.41 -1.44
N LEU D 28 12.44 41.94 -1.03
CA LEU D 28 12.55 41.04 0.12
C LEU D 28 11.88 41.59 1.37
N SER D 29 11.86 42.92 1.55
CA SER D 29 11.29 43.52 2.74
C SER D 29 9.78 43.37 2.82
N SER D 30 9.13 42.94 1.74
CA SER D 30 7.68 42.79 1.67
C SER D 30 7.21 41.36 1.87
N TYR D 31 8.04 40.38 1.51
CA TYR D 31 7.63 38.99 1.46
C TYR D 31 8.19 38.21 2.65
N TYR D 32 7.52 37.09 2.94
CA TYR D 32 8.10 36.02 3.73
C TYR D 32 8.83 35.08 2.80
N MET D 33 10.10 34.81 3.08
CA MET D 33 10.84 33.82 2.31
C MET D 33 11.11 32.59 3.14
N ASN D 34 10.90 31.43 2.51
CA ASN D 34 11.14 30.11 3.07
C ASN D 34 12.09 29.33 2.19
N TRP D 35 12.87 28.46 2.82
CA TRP D 35 13.50 27.35 2.13
C TRP D 35 12.75 26.07 2.45
N VAL D 36 12.50 25.25 1.43
CA VAL D 36 11.96 23.91 1.60
C VAL D 36 12.85 22.94 0.84
N ARG D 37 13.03 21.74 1.40
CA ARG D 37 13.84 20.73 0.75
C ARG D 37 13.02 19.45 0.52
N GLN D 38 13.52 18.59 -0.37
CA GLN D 38 12.81 17.36 -0.75
C GLN D 38 13.83 16.32 -1.22
N ALA D 39 14.04 15.28 -0.41
CA ALA D 39 14.87 14.16 -0.85
C ALA D 39 14.18 13.45 -2.02
N PRO D 40 14.95 12.78 -2.88
CA PRO D 40 14.36 12.17 -4.08
C PRO D 40 13.30 11.14 -3.69
N GLY D 41 12.07 11.37 -4.17
CA GLY D 41 11.02 10.42 -3.90
C GLY D 41 10.45 10.45 -2.50
N LYS D 42 10.88 11.38 -1.64
CA LYS D 42 10.28 11.61 -0.34
C LYS D 42 9.44 12.88 -0.39
N GLY D 43 8.98 13.33 0.78
CA GLY D 43 8.11 14.50 0.85
C GLY D 43 8.86 15.81 1.07
N LEU D 44 8.11 16.91 0.99
CA LEU D 44 8.67 18.21 1.32
C LEU D 44 8.98 18.32 2.81
N GLU D 45 9.97 19.13 3.13
CA GLU D 45 10.43 19.29 4.51
C GLU D 45 10.84 20.74 4.69
N TRP D 46 10.14 21.46 5.56
CA TRP D 46 10.44 22.87 5.80
C TRP D 46 11.72 23.00 6.63
N ILE D 47 12.56 23.98 6.26
CA ILE D 47 13.80 24.26 6.98
C ILE D 47 13.71 25.54 7.78
N GLY D 48 13.28 26.63 7.16
CA GLY D 48 13.33 27.90 7.81
C GLY D 48 12.63 29.03 7.09
N ILE D 49 12.48 30.14 7.81
CA ILE D 49 11.66 31.31 7.49
C ILE D 49 12.51 32.57 7.67
N MET D 50 12.15 33.62 6.95
CA MET D 50 12.60 34.95 7.36
C MET D 50 11.49 35.93 7.03
N PHE D 51 10.98 36.59 8.07
CA PHE D 51 9.83 37.47 7.90
C PHE D 51 10.27 38.69 7.12
N PRO D 52 9.34 39.49 6.63
CA PRO D 52 9.78 40.74 5.97
C PRO D 52 10.58 41.66 6.90
N ASN D 53 10.44 41.49 8.21
CA ASN D 53 11.13 42.28 9.21
C ASN D 53 12.58 41.83 9.42
N GLY D 54 12.99 40.72 8.81
CA GLY D 54 14.35 40.23 8.91
C GLY D 54 14.57 39.13 9.92
N LYS D 55 13.61 38.86 10.81
CA LYS D 55 13.79 37.81 11.80
C LYS D 55 13.85 36.44 11.13
N ILE D 56 14.66 35.54 11.70
CA ILE D 56 14.87 34.20 11.18
C ILE D 56 14.32 33.19 12.19
N TYR D 57 13.70 32.13 11.69
CA TYR D 57 13.34 31.00 12.54
C TYR D 57 13.63 29.71 11.80
N TYR D 58 14.05 28.68 12.54
CA TYR D 58 14.38 27.38 11.98
C TYR D 58 13.45 26.34 12.58
N ALA D 59 13.45 25.17 11.97
CA ALA D 59 12.78 24.05 12.60
C ALA D 59 13.71 23.45 13.65
N THR D 60 13.13 22.65 14.54
CA THR D 60 13.94 22.05 15.61
C THR D 60 15.00 21.10 15.04
N TRP D 61 14.68 20.37 13.96
CA TRP D 61 15.66 19.48 13.33
C TRP D 61 16.70 20.24 12.53
N ALA D 62 16.42 21.48 12.15
CA ALA D 62 17.32 22.26 11.32
C ALA D 62 18.23 23.18 12.12
N LYS D 63 17.91 23.42 13.40
CA LYS D 63 18.73 24.28 14.25
C LYS D 63 20.05 23.57 14.57
N GLY D 64 21.16 24.19 14.17
CA GLY D 64 22.47 23.59 14.25
C GLY D 64 23.12 23.32 12.91
N ARG D 65 22.33 22.94 11.90
CA ARG D 65 22.86 22.47 10.63
C ARG D 65 22.73 23.45 9.49
N PHE D 66 21.86 24.46 9.59
CA PHE D 66 21.61 25.41 8.51
C PHE D 66 21.67 26.83 9.06
N THR D 67 21.91 27.78 8.16
CA THR D 67 21.93 29.21 8.50
C THR D 67 21.45 30.01 7.31
N ILE D 68 20.55 30.96 7.57
CA ILE D 68 19.92 31.79 6.54
C ILE D 68 20.53 33.18 6.60
N SER D 69 20.88 33.73 5.43
CA SER D 69 21.47 35.05 5.31
C SER D 69 20.55 35.94 4.47
N LYS D 70 21.04 37.13 4.12
CA LYS D 70 20.21 38.15 3.51
C LYS D 70 21.14 39.11 2.77
N THR D 71 21.21 38.98 1.45
CA THR D 71 21.79 40.08 0.69
C THR D 71 20.64 40.92 0.13
N SER D 72 21.00 41.96 -0.61
CA SER D 72 20.01 42.95 -1.05
C SER D 72 18.94 42.31 -1.91
N THR D 73 19.35 41.46 -2.84
CA THR D 73 18.45 40.89 -3.83
C THR D 73 18.44 39.36 -3.78
N THR D 74 18.74 38.79 -2.61
CA THR D 74 19.05 37.37 -2.54
C THR D 74 19.01 36.86 -1.10
N VAL D 75 18.25 35.78 -0.88
CA VAL D 75 18.27 35.04 0.38
C VAL D 75 19.21 33.87 0.21
N ASP D 76 20.01 33.60 1.23
CA ASP D 76 21.00 32.54 1.17
C ASP D 76 20.74 31.51 2.26
N LEU D 77 20.98 30.26 1.94
CA LEU D 77 20.91 29.16 2.89
C LEU D 77 22.21 28.38 2.78
N LYS D 78 22.90 28.16 3.89
CA LYS D 78 24.13 27.40 3.80
C LYS D 78 24.12 26.24 4.78
N ILE D 79 24.34 25.05 4.24
CA ILE D 79 24.39 23.81 5.01
C ILE D 79 25.77 23.75 5.67
N ILE D 80 25.79 23.86 6.99
CA ILE D 80 27.02 23.98 7.77
C ILE D 80 27.93 22.77 7.57
N SER D 81 27.50 21.61 8.03
CA SER D 81 28.28 20.38 7.84
C SER D 81 27.38 19.39 7.11
N PRO D 82 27.38 19.41 5.77
CA PRO D 82 26.52 18.50 5.02
C PRO D 82 26.80 17.04 5.31
N THR D 83 25.75 16.23 5.25
CA THR D 83 25.82 14.80 5.48
C THR D 83 25.20 14.08 4.28
N THR D 84 25.37 12.75 4.26
CA THR D 84 24.74 11.92 3.25
C THR D 84 23.22 12.13 3.22
N GLU D 85 22.59 12.53 4.32
CA GLU D 85 21.15 12.69 4.32
C GLU D 85 20.73 14.14 4.06
N ASP D 86 21.67 15.03 3.81
CA ASP D 86 21.31 16.34 3.30
C ASP D 86 21.13 16.35 1.78
N THR D 87 21.29 15.21 1.14
CA THR D 87 21.13 15.07 -0.31
C THR D 87 19.65 15.27 -0.66
N ALA D 88 19.31 16.44 -1.19
CA ALA D 88 17.92 16.68 -1.57
C ALA D 88 17.88 17.80 -2.61
N THR D 89 16.68 18.08 -3.10
CA THR D 89 16.44 19.24 -3.95
C THR D 89 15.86 20.34 -3.07
N TYR D 90 16.44 21.53 -3.17
CA TYR D 90 16.10 22.63 -2.27
C TYR D 90 15.42 23.73 -3.07
N PHE D 91 14.22 24.12 -2.66
CA PHE D 91 13.53 25.28 -3.20
C PHE D 91 13.52 26.38 -2.14
N CYS D 92 13.47 27.62 -2.59
CA CYS D 92 13.08 28.75 -1.75
C CYS D 92 11.73 29.25 -2.25
N THR D 93 10.97 29.89 -1.34
CA THR D 93 9.65 30.40 -1.69
C THR D 93 9.46 31.80 -1.16
N GLY D 94 8.64 32.57 -1.86
CA GLY D 94 8.17 33.86 -1.36
C GLY D 94 6.66 33.86 -1.17
N ASP D 95 6.21 34.60 -0.16
CA ASP D 95 4.78 34.71 0.17
C ASP D 95 4.52 36.10 0.72
N ASP D 96 3.54 36.80 0.14
CA ASP D 96 3.08 38.07 0.71
C ASP D 96 1.93 37.89 1.69
N SER D 97 1.63 36.65 2.11
CA SER D 97 0.55 36.32 3.05
C SER D 97 -0.82 36.67 2.50
N GLY D 98 -0.97 36.66 1.19
CA GLY D 98 -2.26 37.01 0.61
C GLY D 98 -2.30 36.99 -0.90
N ASP D 99 -2.24 35.78 -1.47
CA ASP D 99 -2.49 35.44 -2.87
C ASP D 99 -1.22 35.19 -3.66
N VAL D 100 -0.11 35.81 -3.29
CA VAL D 100 1.13 35.55 -3.98
C VAL D 100 1.89 34.47 -3.22
N ASN D 101 1.97 33.30 -3.84
CA ASN D 101 2.86 32.23 -3.42
C ASN D 101 3.60 31.81 -4.68
N ILE D 102 4.90 32.07 -4.71
CA ILE D 102 5.71 31.80 -5.89
C ILE D 102 6.76 30.77 -5.49
N TRP D 103 7.10 29.90 -6.45
CA TRP D 103 8.05 28.82 -6.23
C TRP D 103 9.13 28.87 -7.29
N GLY D 104 10.36 28.53 -6.88
CA GLY D 104 11.45 28.39 -7.81
C GLY D 104 11.50 26.99 -8.39
N PRO D 105 12.28 26.79 -9.46
CA PRO D 105 12.37 25.45 -10.05
C PRO D 105 13.12 24.45 -9.18
N GLY D 106 14.08 24.90 -8.38
CA GLY D 106 14.84 24.02 -7.52
C GLY D 106 16.33 24.09 -7.82
N THR D 107 17.09 23.40 -6.97
CA THR D 107 18.52 23.20 -7.16
C THR D 107 18.92 21.94 -6.42
N LEU D 108 19.70 21.10 -7.09
CA LEU D 108 19.98 19.75 -6.60
C LEU D 108 21.29 19.73 -5.82
N VAL D 109 21.24 19.24 -4.59
CA VAL D 109 22.43 19.09 -3.76
C VAL D 109 22.62 17.60 -3.50
N THR D 110 23.80 17.07 -3.86
CA THR D 110 24.20 15.71 -3.53
C THR D 110 25.44 15.76 -2.66
N VAL D 111 25.44 14.99 -1.57
CA VAL D 111 26.56 14.92 -0.65
C VAL D 111 27.03 13.47 -0.64
N SER D 112 28.07 13.20 -1.42
CA SER D 112 28.70 11.89 -1.49
C SER D 112 30.21 12.06 -1.56
N SER D 113 30.93 10.97 -1.29
CA SER D 113 32.37 10.92 -1.45
C SER D 113 32.79 10.47 -2.85
N ALA D 114 31.88 9.90 -3.63
CA ALA D 114 32.18 9.51 -4.99
C ALA D 114 32.49 10.74 -5.83
N SER D 115 32.99 10.49 -7.04
CA SER D 115 33.46 11.54 -7.94
C SER D 115 32.60 11.59 -9.19
N THR D 116 32.51 12.79 -9.78
CA THR D 116 31.78 12.98 -11.03
C THR D 116 32.24 11.98 -12.08
N LYS D 117 31.29 11.51 -12.88
CA LYS D 117 31.58 10.69 -14.06
C LYS D 117 30.46 10.91 -15.06
N GLY D 118 30.82 11.31 -16.28
CA GLY D 118 29.84 11.59 -17.31
C GLY D 118 29.15 10.32 -17.79
N PRO D 119 28.05 10.49 -18.50
CA PRO D 119 27.27 9.33 -18.97
C PRO D 119 27.92 8.63 -20.15
N SER D 120 27.34 7.49 -20.52
CA SER D 120 27.59 6.81 -21.79
C SER D 120 26.24 6.55 -22.42
N VAL D 121 26.03 7.01 -23.65
CA VAL D 121 24.76 6.83 -24.34
C VAL D 121 24.90 5.73 -25.39
N PHE D 122 23.99 4.78 -25.38
CA PHE D 122 23.92 3.74 -26.40
C PHE D 122 22.52 3.65 -26.97
N PRO D 123 22.41 3.33 -28.25
CA PRO D 123 21.10 3.40 -28.93
C PRO D 123 20.22 2.20 -28.62
N LEU D 124 18.99 2.47 -28.19
CA LEU D 124 17.92 1.46 -28.19
C LEU D 124 17.29 1.48 -29.58
N ALA D 125 17.84 0.70 -30.46
CA ALA D 125 17.46 0.89 -31.85
C ALA D 125 16.26 0.03 -32.24
N PRO D 126 15.41 0.57 -33.10
CA PRO D 126 14.18 -0.16 -33.50
C PRO D 126 14.48 -1.41 -34.32
N SER D 127 13.53 -2.35 -34.27
CA SER D 127 13.69 -3.66 -34.91
C SER D 127 12.33 -4.09 -35.46
N SER D 128 12.17 -5.41 -35.63
CA SER D 128 10.89 -6.00 -36.00
C SER D 128 9.94 -6.01 -34.81
N SER D 130 10.83 -4.69 -32.19
CA SER D 130 10.00 -3.57 -31.77
C SER D 130 9.28 -2.94 -32.97
N GLY D 133 4.25 -2.82 -34.69
CA GLY D 133 3.75 -2.90 -36.05
C GLY D 133 2.77 -1.79 -36.38
N GLY D 134 3.04 -1.06 -37.47
CA GLY D 134 2.29 0.14 -37.79
C GLY D 134 2.79 1.32 -36.98
N THR D 135 3.33 1.01 -35.79
CA THR D 135 3.97 1.97 -34.90
C THR D 135 5.08 1.21 -34.17
N ALA D 136 6.21 1.89 -33.95
CA ALA D 136 7.36 1.23 -33.33
C ALA D 136 8.02 2.18 -32.33
N ALA D 137 9.12 1.72 -31.72
CA ALA D 137 9.70 2.44 -30.60
C ALA D 137 11.23 2.31 -30.58
N LEU D 138 11.88 3.42 -30.23
CA LEU D 138 13.34 3.54 -30.21
C LEU D 138 13.72 4.42 -29.02
N GLY D 139 14.99 4.41 -28.66
CA GLY D 139 15.39 5.25 -27.54
C GLY D 139 16.88 5.28 -27.28
N CYS D 140 17.23 5.94 -26.18
CA CYS D 140 18.60 6.13 -25.74
C CYS D 140 18.77 5.61 -24.32
N LEU D 141 19.90 4.94 -24.08
CA LEU D 141 20.20 4.44 -22.74
C LEU D 141 21.36 5.27 -22.18
N VAL D 142 21.03 6.23 -21.33
CA VAL D 142 22.03 7.01 -20.60
C VAL D 142 22.51 6.15 -19.44
N LYS D 143 23.70 5.58 -19.57
CA LYS D 143 24.21 4.59 -18.62
C LYS D 143 25.45 5.11 -17.91
N ASP D 144 25.48 4.93 -16.59
CA ASP D 144 26.68 5.15 -15.76
C ASP D 144 27.10 6.61 -15.64
N TYR D 145 26.33 7.42 -14.90
CA TYR D 145 26.69 8.81 -14.65
C TYR D 145 26.53 9.10 -13.16
N PHE D 146 27.22 10.15 -12.71
CA PHE D 146 27.10 10.61 -11.35
C PHE D 146 27.68 12.01 -11.28
N PRO D 147 27.06 12.95 -10.57
CA PRO D 147 25.80 12.81 -9.84
C PRO D 147 24.59 12.98 -10.77
N GLU D 148 23.45 13.31 -10.19
CA GLU D 148 22.27 13.72 -10.94
C GLU D 148 22.29 15.21 -11.13
N PRO D 149 21.47 15.77 -12.04
CA PRO D 149 20.49 15.20 -12.96
C PRO D 149 20.98 15.02 -14.39
N VAL D 150 20.08 14.54 -15.25
CA VAL D 150 20.33 14.41 -16.68
C VAL D 150 19.06 14.84 -17.41
N THR D 151 19.19 15.82 -18.29
CA THR D 151 18.11 16.18 -19.20
C THR D 151 18.25 15.41 -20.50
N VAL D 152 17.11 15.04 -21.10
CA VAL D 152 17.09 14.30 -22.36
C VAL D 152 15.94 14.84 -23.21
N SER D 153 16.28 15.50 -24.30
CA SER D 153 15.30 15.92 -25.30
C SER D 153 15.52 15.11 -26.59
N TRP D 154 14.56 15.23 -27.51
CA TRP D 154 14.55 14.35 -28.67
C TRP D 154 14.46 15.17 -29.93
N ASN D 155 15.42 14.97 -30.84
CA ASN D 155 15.53 15.75 -32.08
C ASN D 155 15.44 17.24 -31.79
N SER D 156 16.14 17.64 -30.71
CA SER D 156 16.37 19.03 -30.36
C SER D 156 15.06 19.76 -30.12
N GLY D 157 14.19 19.14 -29.32
CA GLY D 157 12.94 19.74 -28.91
C GLY D 157 11.77 19.55 -29.85
N ALA D 158 12.01 19.21 -31.11
CA ALA D 158 10.92 19.00 -32.07
C ALA D 158 9.95 17.94 -31.55
N LEU D 159 10.47 16.73 -31.30
CA LEU D 159 9.67 15.58 -30.90
C LEU D 159 9.32 15.66 -29.41
N THR D 160 8.05 15.83 -29.11
CA THR D 160 7.59 15.88 -27.74
C THR D 160 6.59 14.78 -27.41
N SER D 161 5.84 14.29 -28.38
CA SER D 161 4.74 13.38 -28.15
C SER D 161 5.15 11.93 -28.41
N GLY D 162 4.65 11.04 -27.56
CA GLY D 162 5.14 9.69 -27.54
C GLY D 162 6.41 9.50 -26.73
N VAL D 163 6.90 10.54 -26.07
CA VAL D 163 8.15 10.46 -25.35
C VAL D 163 7.88 10.06 -23.91
N HIS D 164 8.64 9.09 -23.41
CA HIS D 164 8.71 8.80 -21.99
C HIS D 164 10.18 8.77 -21.61
N THR D 165 10.61 9.73 -20.78
CA THR D 165 11.94 9.69 -20.20
C THR D 165 11.82 9.14 -18.78
N PHE D 166 12.28 7.92 -18.59
CA PHE D 166 12.02 7.23 -17.34
C PHE D 166 12.87 7.78 -16.20
N PRO D 167 12.39 7.63 -14.97
CA PRO D 167 13.20 7.99 -13.80
C PRO D 167 14.51 7.21 -13.75
N ALA D 168 15.56 7.90 -13.31
CA ALA D 168 16.86 7.28 -13.16
C ALA D 168 16.81 6.16 -12.14
N VAL D 169 17.65 5.17 -12.35
CA VAL D 169 17.86 4.07 -11.43
C VAL D 169 19.29 4.17 -10.93
N LEU D 170 19.48 3.96 -9.64
CA LEU D 170 20.84 3.80 -9.12
C LEU D 170 21.16 2.30 -9.08
N GLN D 171 22.39 1.96 -9.49
CA GLN D 171 22.85 0.59 -9.61
C GLN D 171 23.84 0.28 -8.49
N SER D 172 24.09 -1.02 -8.29
CA SER D 172 25.11 -1.44 -7.33
C SER D 172 26.41 -0.66 -7.51
N SER D 173 26.69 -0.25 -8.75
CA SER D 173 27.83 0.59 -9.06
C SER D 173 27.93 1.81 -8.16
N GLY D 174 26.81 2.52 -7.98
CA GLY D 174 26.85 3.88 -7.46
C GLY D 174 26.59 4.93 -8.50
N LEU D 175 26.49 4.55 -9.78
CA LEU D 175 26.18 5.46 -10.87
C LEU D 175 24.78 5.18 -11.40
N TYR D 176 24.10 6.24 -11.81
CA TYR D 176 22.72 6.15 -12.27
C TYR D 176 22.66 5.74 -13.75
N SER D 177 21.54 5.15 -14.14
CA SER D 177 21.24 4.95 -15.55
C SER D 177 19.75 5.12 -15.76
N LEU D 178 19.38 5.83 -16.81
CA LEU D 178 17.99 6.01 -17.19
C LEU D 178 17.83 5.69 -18.67
N SER D 179 16.63 5.27 -19.03
CA SER D 179 16.25 5.12 -20.43
C SER D 179 15.32 6.25 -20.83
N SER D 180 15.34 6.60 -22.11
CA SER D 180 14.35 7.49 -22.69
C SER D 180 13.92 6.89 -24.01
N VAL D 181 12.61 6.86 -24.26
CA VAL D 181 12.05 6.17 -25.42
C VAL D 181 11.07 7.10 -26.12
N VAL D 182 10.63 6.65 -27.30
CA VAL D 182 9.62 7.37 -28.04
C VAL D 182 8.99 6.42 -29.05
N THR D 183 7.68 6.52 -29.20
CA THR D 183 6.94 5.73 -30.18
C THR D 183 6.73 6.58 -31.42
N VAL D 184 7.00 5.98 -32.59
CA VAL D 184 6.98 6.70 -33.85
C VAL D 184 6.05 5.96 -34.82
N PRO D 185 5.56 6.65 -35.83
CA PRO D 185 5.02 5.96 -37.01
C PRO D 185 6.10 5.08 -37.62
N SER D 186 5.80 3.79 -37.78
CA SER D 186 6.74 2.89 -38.43
C SER D 186 7.18 3.45 -39.78
N SER D 187 6.24 4.05 -40.51
CA SER D 187 6.53 4.63 -41.82
C SER D 187 7.75 5.56 -41.77
N SER D 188 7.81 6.45 -40.78
CA SER D 188 8.87 7.45 -40.71
C SER D 188 10.24 6.87 -40.34
N LEU D 189 10.30 5.59 -39.98
CA LEU D 189 11.59 4.96 -39.74
C LEU D 189 12.35 4.77 -41.06
N GLY D 190 13.67 5.00 -41.01
CA GLY D 190 14.49 4.94 -42.21
C GLY D 190 14.35 6.11 -43.14
N THR D 191 13.58 7.14 -42.75
CA THR D 191 13.35 8.32 -43.59
C THR D 191 13.59 9.60 -42.78
N GLN D 192 12.84 9.75 -41.69
CA GLN D 192 13.04 10.84 -40.74
C GLN D 192 14.05 10.43 -39.68
N THR D 193 15.04 11.29 -39.45
CA THR D 193 16.14 10.98 -38.55
C THR D 193 15.78 11.28 -37.10
N TYR D 194 16.25 10.41 -36.17
CA TYR D 194 15.90 10.46 -34.74
C TYR D 194 17.15 10.42 -33.86
N ILE D 195 17.45 11.55 -33.21
CA ILE D 195 18.59 11.77 -32.31
C ILE D 195 18.09 12.24 -30.95
N CYS D 196 18.64 11.67 -29.89
CA CYS D 196 18.38 12.21 -28.57
C CYS D 196 19.52 13.10 -28.07
N ASN D 197 19.18 14.18 -27.39
CA ASN D 197 20.18 15.14 -26.92
C ASN D 197 20.30 14.98 -25.40
N VAL D 198 21.35 14.33 -24.98
CA VAL D 198 21.65 14.13 -23.56
C VAL D 198 22.50 15.30 -23.09
N ASN D 199 22.39 15.64 -21.80
CA ASN D 199 23.19 16.72 -21.22
C ASN D 199 23.33 16.48 -19.73
N HIS D 200 24.53 16.13 -19.29
CA HIS D 200 24.84 15.88 -17.89
C HIS D 200 25.77 16.99 -17.39
N LYS D 201 25.21 18.19 -17.21
CA LYS D 201 25.95 19.41 -16.89
C LYS D 201 26.89 19.27 -15.68
N PRO D 202 26.62 18.35 -14.71
CA PRO D 202 27.64 18.06 -13.68
C PRO D 202 29.01 17.65 -14.23
N SER D 203 29.10 17.25 -15.49
CA SER D 203 30.39 16.95 -16.10
C SER D 203 30.57 17.63 -17.45
N ASN D 204 29.73 18.61 -17.78
CA ASN D 204 29.81 19.37 -19.03
C ASN D 204 29.82 18.46 -20.25
N THR D 205 29.16 17.30 -20.12
CA THR D 205 28.96 16.34 -21.19
C THR D 205 27.66 16.66 -21.93
N LYS D 206 27.75 16.91 -23.23
CA LYS D 206 26.57 17.07 -24.10
C LYS D 206 26.75 16.12 -25.27
N VAL D 207 25.86 15.14 -25.40
CA VAL D 207 25.95 14.12 -26.43
C VAL D 207 24.71 14.20 -27.31
N ASP D 208 24.88 13.96 -28.61
CA ASP D 208 23.79 13.79 -29.58
C ASP D 208 24.06 12.49 -30.33
N LYS D 209 23.28 11.44 -30.07
CA LYS D 209 23.54 10.14 -30.69
C LYS D 209 22.39 9.70 -31.59
N LYS D 210 22.76 9.27 -32.81
CA LYS D 210 21.81 8.85 -33.82
C LYS D 210 21.24 7.48 -33.47
N VAL D 211 19.94 7.43 -33.26
CA VAL D 211 19.23 6.16 -33.23
C VAL D 211 18.61 5.94 -34.58
N GLU D 212 18.90 4.79 -35.18
CA GLU D 212 18.39 4.49 -36.51
C GLU D 212 18.34 2.99 -36.65
N PRO D 213 17.54 2.48 -37.60
CA PRO D 213 17.26 1.04 -37.68
C PRO D 213 18.51 0.17 -37.72
N LYS D 214 18.43 -0.99 -37.07
CA LYS D 214 19.47 -2.00 -37.18
C LYS D 214 19.60 -2.51 -38.63
N GLY E 1 3.47 -32.49 2.58
CA GLY E 1 4.85 -32.91 2.62
C GLY E 1 5.74 -31.72 2.88
N GLY E 2 5.09 -30.57 3.08
CA GLY E 2 5.85 -29.35 3.27
C GLY E 2 6.31 -29.13 4.68
N MET E 3 5.62 -29.71 5.66
CA MET E 3 5.97 -29.57 7.06
C MET E 3 6.57 -30.84 7.62
N GLY F 1 -0.28 32.91 0.38
CA GLY F 1 -0.72 33.18 1.74
C GLY F 1 -0.49 32.04 2.72
N GLY F 2 0.10 30.95 2.25
CA GLY F 2 0.17 29.75 3.06
C GLY F 2 1.40 29.65 3.92
N MET F 3 2.49 30.25 3.47
CA MET F 3 3.72 30.25 4.26
C MET F 3 4.11 31.68 4.61
#